data_2PLA
#
_entry.id   2PLA
#
_cell.length_a   139.100
_cell.length_b   139.100
_cell.length_c   109.620
_cell.angle_alpha   90.000
_cell.angle_beta   90.000
_cell.angle_gamma   120.000
#
_symmetry.space_group_name_H-M   'P 31 2 1'
#
loop_
_entity.id
_entity.type
_entity.pdbx_description
1 polymer 'Glycerol-3-phosphate dehydrogenase 1-like protein'
2 non-polymer 'PHOSPHATE ION'
3 non-polymer NICOTINAMIDE-ADENINE-DINUCLEOTIDE
4 non-polymer 'CHLORIDE ION'
5 water water
#
_entity_poly.entity_id   1
_entity_poly.type   'polypeptide(L)'
_entity_poly.pdbx_seq_one_letter_code
;MAAAPLKVCIVGSGNWGSAVAKIIGNNVKKLQKFASTVKMWVFEETVNGRKLTDIINNDHENVKYLPGHKLPENVVAMSN
LSEAVQDADLLVFVIPHQFIHRICDEITGRVPKKALGITLIKGIDEGPEGLKLISDIIREKMGIDISVLMGANIANEVAA
EKFCETTIGSKVMENGLLFKELLQTPNFRITVVDDADTVELCGALKNIVAVGAGFCDGLRCGDNTKAAVIRLGLMEMIAF
ARIFCKGQVSTATFLESCGVADLITTCYGGRNRRVAEAFARTGKTIEELEKEMLNGQKLQGPQTSAEVYRILKQKGLLDK
FPLFTAVYQICYESRPVQEMLSCLQSHPE
;
_entity_poly.pdbx_strand_id   A,B
#
# COMPACT_ATOMS: atom_id res chain seq x y z
N ALA A 4 4.75 38.18 21.16
CA ALA A 4 3.83 38.63 20.07
C ALA A 4 3.38 37.43 19.23
N PRO A 5 2.06 37.22 19.08
CA PRO A 5 1.57 36.03 18.33
C PRO A 5 2.02 36.00 16.87
N LEU A 6 2.29 34.80 16.35
CA LEU A 6 2.91 34.64 15.04
C LEU A 6 1.91 34.67 13.91
N LYS A 7 2.08 35.62 12.99
CA LYS A 7 1.15 35.78 11.87
C LYS A 7 1.42 34.75 10.80
N VAL A 8 0.38 33.98 10.46
CA VAL A 8 0.46 32.93 9.46
C VAL A 8 -0.18 33.39 8.16
N CYS A 9 0.50 33.13 7.06
CA CYS A 9 -0.04 33.43 5.73
C CYS A 9 0.06 32.22 4.80
N ILE A 10 -1.06 31.89 4.15
CA ILE A 10 -1.16 30.73 3.25
C ILE A 10 -1.09 31.22 1.80
N VAL A 11 -0.03 30.84 1.10
CA VAL A 11 0.11 31.16 -0.31
C VAL A 11 -0.46 30.01 -1.16
N GLY A 12 -1.70 30.19 -1.59
CA GLY A 12 -2.43 29.20 -2.35
C GLY A 12 -3.78 29.01 -1.68
N SER A 13 -4.74 28.48 -2.44
CA SER A 13 -6.09 28.31 -1.91
C SER A 13 -6.91 27.26 -2.67
N GLY A 14 -6.24 26.27 -3.26
CA GLY A 14 -6.88 25.26 -4.09
C GLY A 14 -7.49 24.16 -3.27
N ASN A 15 -7.62 22.97 -3.85
CA ASN A 15 -8.21 21.84 -3.14
C ASN A 15 -7.50 21.59 -1.80
N TRP A 16 -6.21 21.28 -1.86
CA TRP A 16 -5.40 21.09 -0.65
C TRP A 16 -5.25 22.41 0.13
N GLY A 17 -4.98 23.50 -0.60
CA GLY A 17 -4.80 24.81 0.03
C GLY A 17 -5.94 25.18 0.97
N SER A 18 -7.17 25.01 0.50
CA SER A 18 -8.36 25.26 1.31
C SER A 18 -8.50 24.29 2.49
N ALA A 19 -8.22 23.02 2.27
CA ALA A 19 -8.33 22.05 3.37
C ALA A 19 -7.31 22.40 4.47
N VAL A 20 -6.09 22.81 4.09
CA VAL A 20 -5.14 23.18 5.14
C VAL A 20 -5.47 24.54 5.76
N ALA A 21 -6.16 25.40 5.03
CA ALA A 21 -6.66 26.66 5.61
C ALA A 21 -7.70 26.38 6.68
N LYS A 22 -8.51 25.34 6.48
CA LYS A 22 -9.47 24.92 7.48
C LYS A 22 -8.74 24.42 8.73
N ILE A 23 -7.76 23.54 8.54
CA ILE A 23 -6.95 23.03 9.65
C ILE A 23 -6.28 24.17 10.43
N ILE A 24 -5.60 25.06 9.71
CA ILE A 24 -4.85 26.13 10.34
C ILE A 24 -5.78 27.13 11.04
N GLY A 25 -6.93 27.41 10.44
CA GLY A 25 -7.88 28.34 11.01
C GLY A 25 -8.36 27.93 12.39
N ASN A 26 -8.74 26.67 12.52
CA ASN A 26 -9.22 26.16 13.80
C ASN A 26 -8.10 25.99 14.82
N ASN A 27 -6.91 25.59 14.37
CA ASN A 27 -5.75 25.43 15.26
C ASN A 27 -5.27 26.76 15.89
N VAL A 28 -5.20 27.82 15.08
CA VAL A 28 -4.63 29.10 15.56
C VAL A 28 -5.58 29.78 16.54
N LYS A 29 -6.87 29.48 16.41
CA LYS A 29 -7.88 30.01 17.30
C LYS A 29 -7.74 29.49 18.72
N LYS A 30 -7.03 28.38 18.91
CA LYS A 30 -6.92 27.77 20.24
C LYS A 30 -5.49 27.73 20.79
N LEU A 31 -4.60 28.53 20.21
CA LEU A 31 -3.22 28.66 20.73
C LEU A 31 -2.77 30.13 20.77
N GLN A 32 -2.20 30.54 21.90
CA GLN A 32 -1.67 31.90 22.07
C GLN A 32 -0.52 32.19 21.10
N LYS A 33 0.32 31.18 20.86
CA LYS A 33 1.50 31.33 20.01
C LYS A 33 1.21 31.89 18.62
N PHE A 34 0.03 31.60 18.08
CA PHE A 34 -0.31 31.95 16.69
C PHE A 34 -1.44 32.96 16.62
N ALA A 35 -1.23 34.00 15.81
CA ALA A 35 -2.23 35.03 15.56
C ALA A 35 -3.50 34.38 15.03
N SER A 36 -4.63 34.78 15.60
CA SER A 36 -5.94 34.19 15.26
C SER A 36 -6.40 34.50 13.84
N THR A 37 -5.98 35.64 13.31
CA THR A 37 -6.31 35.97 11.92
C THR A 37 -5.30 35.35 10.99
N VAL A 38 -5.80 34.62 10.00
CA VAL A 38 -4.95 33.92 9.04
C VAL A 38 -5.22 34.46 7.63
N LYS A 39 -4.19 35.08 7.02
CA LYS A 39 -4.33 35.65 5.69
C LYS A 39 -4.08 34.56 4.64
N MET A 40 -4.93 34.49 3.62
CA MET A 40 -4.79 33.51 2.55
C MET A 40 -4.79 34.20 1.19
N TRP A 41 -3.75 33.98 0.40
CA TRP A 41 -3.72 34.55 -0.95
C TRP A 41 -4.55 33.72 -1.94
N VAL A 42 -5.59 34.35 -2.48
CA VAL A 42 -6.46 33.74 -3.48
C VAL A 42 -6.25 34.41 -4.84
N PHE A 43 -5.75 33.65 -5.81
CA PHE A 43 -5.65 34.10 -7.19
C PHE A 43 -7.07 34.41 -7.65
N GLU A 44 -7.35 35.69 -7.90
CA GLU A 44 -8.74 36.10 -8.10
C GLU A 44 -9.34 35.46 -9.35
N GLU A 45 -10.54 34.92 -9.18
CA GLU A 45 -11.35 34.37 -10.27
C GLU A 45 -12.78 34.84 -10.07
N THR A 46 -13.51 34.97 -11.18
CA THR A 46 -14.94 35.24 -11.07
C THR A 46 -15.69 33.92 -11.28
N VAL A 47 -16.43 33.52 -10.23
CA VAL A 47 -17.26 32.32 -10.23
C VAL A 47 -18.70 32.74 -9.90
N ASN A 48 -19.67 32.13 -10.56
CA ASN A 48 -21.10 32.46 -10.39
C ASN A 48 -21.33 33.98 -10.38
N GLY A 49 -20.63 34.69 -11.25
CA GLY A 49 -20.78 36.13 -11.37
C GLY A 49 -20.07 36.97 -10.32
N ARG A 50 -19.41 36.31 -9.36
CA ARG A 50 -18.82 37.00 -8.20
C ARG A 50 -17.32 36.79 -8.09
N LYS A 51 -16.62 37.75 -7.51
CA LYS A 51 -15.23 37.58 -7.16
C LYS A 51 -15.11 36.45 -6.13
N LEU A 52 -14.20 35.48 -6.37
CA LEU A 52 -14.03 34.33 -5.46
C LEU A 52 -13.62 34.74 -4.02
N THR A 53 -12.79 35.78 -3.90
CA THR A 53 -12.42 36.29 -2.58
C THR A 53 -13.66 36.71 -1.79
N ASP A 54 -14.59 37.39 -2.45
CA ASP A 54 -15.85 37.79 -1.81
C ASP A 54 -16.66 36.57 -1.37
N ILE A 55 -16.69 35.52 -2.20
CA ILE A 55 -17.45 34.30 -1.88
C ILE A 55 -16.90 33.68 -0.60
N ILE A 56 -15.58 33.56 -0.53
CA ILE A 56 -14.89 33.04 0.65
C ILE A 56 -15.13 33.92 1.91
N ASN A 57 -14.90 35.23 1.78
CA ASN A 57 -15.03 36.11 2.93
C ASN A 57 -16.48 36.27 3.42
N ASN A 58 -17.45 36.25 2.50
CA ASN A 58 -18.87 36.42 2.88
C ASN A 58 -19.58 35.11 3.21
N ASP A 59 -19.24 34.02 2.52
CA ASP A 59 -19.91 32.73 2.69
C ASP A 59 -19.02 31.65 3.35
N HIS A 60 -17.72 31.93 3.49
CA HIS A 60 -16.80 31.03 4.18
C HIS A 60 -16.78 29.66 3.53
N GLU A 61 -16.61 29.67 2.22
CA GLU A 61 -16.52 28.45 1.44
C GLU A 61 -15.82 28.74 0.11
N ASN A 62 -14.79 27.97 -0.22
CA ASN A 62 -14.22 28.00 -1.55
C ASN A 62 -15.09 27.11 -2.43
N VAL A 63 -16.14 27.71 -2.99
CA VAL A 63 -17.15 26.96 -3.76
C VAL A 63 -16.58 26.24 -4.98
N LYS A 64 -15.49 26.74 -5.56
CA LYS A 64 -14.89 26.08 -6.73
C LYS A 64 -13.93 24.91 -6.37
N TYR A 65 -13.02 25.11 -5.42
CA TYR A 65 -11.96 24.11 -5.17
C TYR A 65 -12.15 23.21 -3.94
N LEU A 66 -13.11 23.54 -3.09
CA LEU A 66 -13.47 22.68 -1.94
C LEU A 66 -14.97 22.85 -1.63
N PRO A 67 -15.81 22.54 -2.62
CA PRO A 67 -17.25 22.75 -2.49
C PRO A 67 -17.83 22.05 -1.29
N GLY A 68 -18.72 22.73 -0.57
CA GLY A 68 -19.47 22.12 0.51
C GLY A 68 -18.80 22.11 1.86
N HIS A 69 -17.55 22.53 1.93
CA HIS A 69 -16.81 22.56 3.20
C HIS A 69 -16.64 24.00 3.67
N LYS A 70 -17.10 24.27 4.88
CA LYS A 70 -17.06 25.60 5.46
C LYS A 70 -15.69 25.89 6.01
N LEU A 71 -15.19 27.08 5.71
CA LEU A 71 -13.90 27.53 6.22
C LEU A 71 -14.13 28.43 7.43
N PRO A 72 -13.19 28.45 8.37
CA PRO A 72 -13.33 29.31 9.53
C PRO A 72 -13.36 30.79 9.15
N GLU A 73 -14.11 31.57 9.92
CA GLU A 73 -14.29 32.98 9.59
C GLU A 73 -12.98 33.78 9.73
N ASN A 74 -12.08 33.31 10.60
CA ASN A 74 -10.77 33.95 10.81
C ASN A 74 -9.74 33.76 9.67
N VAL A 75 -10.11 32.99 8.65
CA VAL A 75 -9.32 32.92 7.40
C VAL A 75 -9.83 34.00 6.44
N VAL A 76 -8.97 34.96 6.11
CA VAL A 76 -9.34 36.07 5.23
C VAL A 76 -8.70 35.89 3.87
N ALA A 77 -9.54 35.76 2.84
CA ALA A 77 -9.06 35.70 1.46
C ALA A 77 -8.54 37.06 1.05
N MET A 78 -7.47 37.06 0.27
CA MET A 78 -6.85 38.29 -0.22
C MET A 78 -6.35 38.06 -1.66
N SER A 79 -6.70 38.98 -2.54
CA SER A 79 -6.30 38.94 -3.93
C SER A 79 -4.94 39.59 -4.17
N ASN A 80 -4.52 40.48 -3.27
CA ASN A 80 -3.22 41.17 -3.40
C ASN A 80 -2.11 40.39 -2.67
N LEU A 81 -1.35 39.61 -3.42
CA LEU A 81 -0.30 38.76 -2.85
C LEU A 81 0.64 39.54 -1.90
N SER A 82 1.05 40.74 -2.29
CA SER A 82 1.95 41.57 -1.47
C SER A 82 1.39 41.89 -0.10
N GLU A 83 0.15 42.37 -0.05
CA GLU A 83 -0.50 42.70 1.21
C GLU A 83 -0.65 41.48 2.12
N ALA A 84 -0.90 40.32 1.52
CA ALA A 84 -0.96 39.07 2.26
C ALA A 84 0.39 38.71 2.88
N VAL A 85 1.47 38.98 2.14
CA VAL A 85 2.82 38.56 2.51
C VAL A 85 3.47 39.45 3.57
N GLN A 86 3.38 40.77 3.40
CA GLN A 86 4.08 41.71 4.31
C GLN A 86 3.64 41.39 5.74
N ASP A 87 4.60 41.41 6.67
CA ASP A 87 4.35 41.13 8.11
C ASP A 87 4.15 39.65 8.53
N ALA A 88 4.20 38.72 7.57
CA ALA A 88 3.98 37.29 7.88
C ALA A 88 5.20 36.68 8.57
N ASP A 89 4.97 35.96 9.67
CA ASP A 89 6.05 35.23 10.36
C ASP A 89 6.19 33.82 9.80
N LEU A 90 5.06 33.21 9.44
CA LEU A 90 5.05 31.86 8.89
C LEU A 90 4.36 31.86 7.53
N LEU A 91 5.03 31.31 6.53
CA LEU A 91 4.50 31.23 5.17
C LEU A 91 4.27 29.77 4.81
N VAL A 92 3.04 29.43 4.43
CA VAL A 92 2.67 28.08 4.00
C VAL A 92 2.44 28.11 2.48
N PHE A 93 3.38 27.53 1.74
CA PHE A 93 3.33 27.50 0.28
C PHE A 93 2.59 26.26 -0.20
N VAL A 94 1.35 26.46 -0.63
CA VAL A 94 0.48 25.36 -1.02
C VAL A 94 -0.21 25.69 -2.34
N ILE A 95 0.55 25.55 -3.42
CA ILE A 95 0.16 26.01 -4.75
C ILE A 95 0.74 25.07 -5.82
N PRO A 96 0.00 24.82 -6.92
CA PRO A 96 0.56 23.96 -7.96
C PRO A 96 1.93 24.39 -8.47
N HIS A 97 2.80 23.41 -8.67
CA HIS A 97 4.19 23.65 -8.99
C HIS A 97 4.40 24.67 -10.11
N GLN A 98 3.52 24.65 -11.11
CA GLN A 98 3.72 25.47 -12.30
C GLN A 98 3.54 26.98 -12.06
N PHE A 99 3.09 27.39 -10.88
CA PHE A 99 2.95 28.81 -10.54
C PHE A 99 3.96 29.30 -9.51
N ILE A 100 4.87 28.44 -9.07
CA ILE A 100 5.74 28.79 -7.95
C ILE A 100 6.77 29.86 -8.32
N HIS A 101 7.18 29.88 -9.59
CA HIS A 101 8.18 30.83 -10.09
C HIS A 101 7.65 32.26 -10.10
N ARG A 102 6.48 32.45 -10.70
CA ARG A 102 5.87 33.78 -10.81
C ARG A 102 5.53 34.34 -9.42
N ILE A 103 5.14 33.47 -8.50
CA ILE A 103 4.77 33.87 -7.14
C ILE A 103 5.99 34.26 -6.30
N CYS A 104 7.07 33.49 -6.43
CA CYS A 104 8.29 33.78 -5.68
C CYS A 104 8.92 35.10 -6.09
N ASP A 105 9.12 35.31 -7.38
CA ASP A 105 9.73 36.56 -7.81
C ASP A 105 8.71 37.69 -7.96
N GLU A 106 7.57 37.55 -7.29
CA GLU A 106 6.65 38.65 -7.02
C GLU A 106 6.82 39.14 -5.57
N ILE A 107 7.04 38.20 -4.64
CA ILE A 107 7.23 38.53 -3.22
C ILE A 107 8.68 38.42 -2.75
N THR A 108 9.57 38.00 -3.64
CA THR A 108 10.99 37.95 -3.34
C THR A 108 11.43 39.28 -2.74
N GLY A 109 11.92 39.25 -1.50
CA GLY A 109 12.39 40.46 -0.83
C GLY A 109 11.30 41.43 -0.41
N ARG A 110 10.05 40.95 -0.34
CA ARG A 110 8.92 41.75 0.18
C ARG A 110 8.23 41.01 1.33
N VAL A 111 9.01 40.12 1.95
CA VAL A 111 8.62 39.33 3.10
C VAL A 111 9.64 39.59 4.21
N PRO A 112 9.22 39.51 5.49
CA PRO A 112 10.18 39.78 6.58
C PRO A 112 11.37 38.82 6.60
N LYS A 113 12.57 39.34 6.84
CA LYS A 113 13.80 38.56 6.80
C LYS A 113 13.78 37.34 7.72
N LYS A 114 13.11 37.46 8.87
CA LYS A 114 13.15 36.44 9.92
C LYS A 114 12.14 35.30 9.72
N ALA A 115 11.25 35.45 8.77
CA ALA A 115 10.12 34.55 8.62
C ALA A 115 10.55 33.13 8.21
N LEU A 116 9.73 32.15 8.57
CA LEU A 116 9.94 30.74 8.22
C LEU A 116 8.85 30.27 7.26
N GLY A 117 9.22 29.40 6.33
CA GLY A 117 8.29 28.83 5.37
C GLY A 117 8.27 27.32 5.38
N ILE A 118 7.15 26.75 4.95
CA ILE A 118 6.99 25.32 4.73
C ILE A 118 6.34 25.15 3.36
N THR A 119 6.82 24.19 2.57
CA THR A 119 6.24 23.90 1.24
C THR A 119 5.50 22.57 1.26
N LEU A 120 4.30 22.56 0.68
CA LEU A 120 3.43 21.37 0.60
C LEU A 120 3.28 20.91 -0.86
N ILE A 121 4.12 21.47 -1.73
CA ILE A 121 3.98 21.33 -3.19
C ILE A 121 4.59 20.01 -3.64
N LYS A 122 3.84 19.23 -4.42
CA LYS A 122 4.35 17.97 -4.94
C LYS A 122 4.71 18.14 -6.42
N GLY A 123 6.01 17.95 -6.70
CA GLY A 123 6.57 18.17 -8.03
C GLY A 123 8.07 18.41 -7.93
N ILE A 124 8.73 18.54 -9.08
CA ILE A 124 10.11 18.99 -9.13
C ILE A 124 10.28 20.00 -10.25
N ASP A 125 11.24 20.89 -10.09
CA ASP A 125 11.40 22.00 -11.03
C ASP A 125 12.47 21.69 -12.05
N GLU A 126 12.09 21.83 -13.31
CA GLU A 126 13.01 21.67 -14.40
C GLU A 126 13.28 23.06 -14.94
N GLY A 127 14.55 23.47 -14.88
CA GLY A 127 14.94 24.80 -15.31
C GLY A 127 16.24 24.79 -16.11
N PRO A 128 16.77 25.98 -16.40
CA PRO A 128 18.04 26.08 -17.13
C PRO A 128 19.22 25.44 -16.41
N GLU A 129 19.16 25.39 -15.09
CA GLU A 129 20.23 24.81 -14.29
C GLU A 129 19.94 23.35 -13.99
N GLY A 130 18.87 22.81 -14.54
CA GLY A 130 18.52 21.40 -14.37
C GLY A 130 17.33 21.11 -13.48
N LEU A 131 17.21 19.83 -13.11
CA LEU A 131 16.20 19.36 -12.18
C LEU A 131 16.57 19.76 -10.76
N LYS A 132 15.66 20.47 -10.09
CA LYS A 132 15.87 20.91 -8.70
C LYS A 132 14.59 20.73 -7.89
N LEU A 133 14.74 20.50 -6.59
CA LEU A 133 13.61 20.48 -5.68
C LEU A 133 13.00 21.87 -5.67
N ILE A 134 11.67 21.91 -5.63
CA ILE A 134 10.90 23.16 -5.58
C ILE A 134 11.32 23.97 -4.36
N SER A 135 11.49 23.29 -3.24
CA SER A 135 11.99 23.94 -2.02
C SER A 135 13.27 24.73 -2.25
N ASP A 136 14.18 24.22 -3.09
CA ASP A 136 15.43 24.95 -3.38
C ASP A 136 15.15 26.25 -4.16
N ILE A 137 14.18 26.22 -5.06
CA ILE A 137 13.80 27.43 -5.78
C ILE A 137 13.28 28.49 -4.79
N ILE A 138 12.45 28.05 -3.84
CA ILE A 138 11.89 28.95 -2.83
C ILE A 138 13.00 29.48 -1.91
N ARG A 139 13.94 28.61 -1.55
CA ARG A 139 15.11 29.03 -0.77
C ARG A 139 15.95 30.06 -1.53
N GLU A 140 16.38 29.72 -2.74
CA GLU A 140 17.25 30.61 -3.53
C GLU A 140 16.61 31.96 -3.81
N LYS A 141 15.30 32.00 -3.99
CA LYS A 141 14.59 33.23 -4.32
C LYS A 141 14.09 34.03 -3.10
N MET A 142 13.71 33.36 -2.01
CA MET A 142 13.21 34.03 -0.81
C MET A 142 14.25 34.29 0.28
N GLY A 143 15.34 33.51 0.30
CA GLY A 143 16.37 33.66 1.33
C GLY A 143 15.90 33.36 2.75
N ILE A 144 14.91 32.47 2.89
CA ILE A 144 14.39 32.06 4.19
C ILE A 144 14.47 30.54 4.36
N ASP A 145 14.39 30.07 5.60
CA ASP A 145 14.41 28.63 5.89
C ASP A 145 13.11 28.00 5.40
N ILE A 146 13.23 26.84 4.75
CA ILE A 146 12.08 26.14 4.20
C ILE A 146 12.06 24.67 4.66
N SER A 147 10.95 24.32 5.29
CA SER A 147 10.64 22.95 5.64
C SER A 147 9.63 22.39 4.63
N VAL A 148 9.09 21.22 4.91
CA VAL A 148 8.43 20.43 3.89
C VAL A 148 7.36 19.60 4.56
N LEU A 149 6.19 19.49 3.92
CA LEU A 149 5.09 18.65 4.43
C LEU A 149 4.50 17.79 3.31
N MET A 150 4.64 16.47 3.45
CA MET A 150 4.20 15.52 2.45
C MET A 150 3.67 14.30 3.20
N GLY A 151 2.49 13.82 2.79
CA GLY A 151 1.93 12.60 3.35
C GLY A 151 0.68 12.11 2.65
N ALA A 152 0.11 11.03 3.18
CA ALA A 152 -1.10 10.41 2.62
C ALA A 152 -2.30 11.26 3.07
N ASN A 153 -2.56 12.30 2.27
CA ASN A 153 -3.42 13.41 2.62
C ASN A 153 -4.38 13.83 1.49
N ILE A 154 -5.15 12.91 0.94
CA ILE A 154 -6.18 13.30 -0.03
C ILE A 154 -7.02 14.41 0.62
N ALA A 155 -6.99 15.60 0.01
CA ALA A 155 -7.59 16.80 0.60
C ALA A 155 -9.05 16.65 1.02
N ASN A 156 -9.85 15.97 0.21
CA ASN A 156 -11.29 15.92 0.47
C ASN A 156 -11.59 15.09 1.72
N GLU A 157 -10.77 14.06 1.96
CA GLU A 157 -10.91 13.23 3.16
C GLU A 157 -10.41 13.97 4.41
N VAL A 158 -9.35 14.77 4.26
CA VAL A 158 -8.88 15.61 5.37
C VAL A 158 -9.96 16.63 5.76
N ALA A 159 -10.58 17.27 4.77
CA ALA A 159 -11.63 18.27 5.04
C ALA A 159 -12.84 17.64 5.71
N ALA A 160 -13.12 16.37 5.40
CA ALA A 160 -14.15 15.58 6.10
C ALA A 160 -13.71 15.12 7.51
N GLU A 161 -12.52 15.50 7.94
CA GLU A 161 -11.99 15.16 9.27
C GLU A 161 -11.85 13.67 9.52
N LYS A 162 -11.40 12.97 8.50
CA LYS A 162 -11.07 11.57 8.59
C LYS A 162 -9.60 11.43 8.97
N PHE A 163 -9.28 10.40 9.75
CA PHE A 163 -7.95 10.29 10.34
C PHE A 163 -6.89 10.12 9.28
N CYS A 164 -5.82 10.88 9.37
CA CYS A 164 -4.66 10.64 8.54
C CYS A 164 -3.36 11.06 9.23
N GLU A 165 -2.24 10.77 8.57
CA GLU A 165 -0.91 11.16 9.02
C GLU A 165 -0.20 11.98 7.96
N THR A 166 0.86 12.66 8.37
CA THR A 166 1.75 13.32 7.44
C THR A 166 3.15 13.41 7.99
N THR A 167 4.09 13.73 7.12
CA THR A 167 5.48 13.87 7.50
C THR A 167 5.97 15.29 7.22
N ILE A 168 6.46 15.98 8.25
CA ILE A 168 7.19 17.22 8.05
C ILE A 168 8.69 16.89 7.98
N GLY A 169 9.35 17.42 6.95
CA GLY A 169 10.79 17.31 6.79
C GLY A 169 11.39 18.66 7.06
N SER A 170 12.41 18.72 7.93
CA SER A 170 13.02 20.00 8.30
C SER A 170 14.47 19.85 8.74
N LYS A 171 15.38 20.46 8.00
CA LYS A 171 16.80 20.35 8.33
C LYS A 171 17.16 21.08 9.64
N VAL A 172 16.43 22.15 9.99
CA VAL A 172 16.46 22.74 11.32
C VAL A 172 15.26 22.22 12.10
N MET A 173 15.50 21.31 13.05
CA MET A 173 14.39 20.55 13.66
C MET A 173 13.38 21.41 14.45
N GLU A 174 13.84 22.51 15.04
CA GLU A 174 12.98 23.37 15.84
C GLU A 174 11.92 24.04 14.97
N ASN A 175 12.24 24.27 13.70
CA ASN A 175 11.30 24.86 12.77
C ASN A 175 10.22 23.83 12.40
N GLY A 176 10.67 22.61 12.11
CA GLY A 176 9.77 21.49 11.90
C GLY A 176 8.80 21.29 13.05
N LEU A 177 9.28 21.47 14.28
CA LEU A 177 8.43 21.27 15.47
C LEU A 177 7.42 22.39 15.64
N LEU A 178 7.81 23.60 15.27
CA LEU A 178 6.90 24.75 15.33
C LEU A 178 5.74 24.53 14.37
N PHE A 179 6.06 24.19 13.13
CA PHE A 179 5.03 23.89 12.12
C PHE A 179 4.13 22.74 12.55
N LYS A 180 4.70 21.74 13.23
CA LYS A 180 3.87 20.66 13.80
C LYS A 180 2.87 21.17 14.85
N GLU A 181 3.27 22.14 15.67
CA GLU A 181 2.35 22.78 16.63
C GLU A 181 1.23 23.50 15.91
N LEU A 182 1.57 24.16 14.80
CA LEU A 182 0.61 24.90 14.00
C LEU A 182 -0.44 23.98 13.39
N LEU A 183 0.02 22.84 12.87
CA LEU A 183 -0.76 22.02 11.95
C LEU A 183 -1.38 20.75 12.54
N GLN A 184 -0.79 20.16 13.58
CA GLN A 184 -1.30 18.86 14.08
C GLN A 184 -2.72 18.95 14.68
N THR A 185 -3.42 17.83 14.59
CA THR A 185 -4.81 17.68 15.00
C THR A 185 -4.93 16.27 15.55
N PRO A 186 -5.93 16.03 16.41
CA PRO A 186 -6.20 14.63 16.75
C PRO A 186 -6.32 13.72 15.51
N ASN A 187 -6.93 14.21 14.43
CA ASN A 187 -7.03 13.44 13.18
C ASN A 187 -6.02 13.78 12.10
N PHE A 188 -4.99 14.54 12.44
CA PHE A 188 -3.94 14.89 11.52
C PHE A 188 -2.62 14.77 12.28
N ARG A 189 -2.12 13.55 12.33
CA ARG A 189 -0.94 13.20 13.14
C ARG A 189 0.36 13.43 12.35
N ILE A 190 1.30 14.14 12.96
CA ILE A 190 2.52 14.56 12.30
C ILE A 190 3.79 13.96 12.92
N THR A 191 4.67 13.43 12.07
CA THR A 191 6.00 13.04 12.48
C THR A 191 6.97 14.03 11.83
N VAL A 192 7.95 14.50 12.59
CA VAL A 192 8.97 15.39 12.06
C VAL A 192 10.27 14.59 11.91
N VAL A 193 10.86 14.68 10.72
CA VAL A 193 12.17 14.04 10.43
C VAL A 193 13.09 15.10 9.82
N ASP A 194 14.40 14.88 9.86
CA ASP A 194 15.32 15.88 9.37
C ASP A 194 15.63 15.77 7.88
N ASP A 195 15.38 14.62 7.27
CA ASP A 195 15.75 14.42 5.86
C ASP A 195 14.71 15.03 4.90
N ALA A 196 14.65 16.36 4.87
CA ALA A 196 13.65 17.10 4.08
C ALA A 196 13.63 16.75 2.58
N ASP A 197 14.80 16.52 1.99
CA ASP A 197 14.90 16.29 0.55
C ASP A 197 14.27 14.98 0.15
N THR A 198 14.54 13.91 0.91
CA THR A 198 13.95 12.62 0.58
C THR A 198 12.43 12.63 0.77
N VAL A 199 11.97 13.33 1.82
CA VAL A 199 10.53 13.50 2.07
C VAL A 199 9.86 14.20 0.89
N GLU A 200 10.42 15.32 0.47
CA GLU A 200 9.89 16.11 -0.65
C GLU A 200 9.89 15.32 -1.97
N LEU A 201 11.00 14.63 -2.23
CA LEU A 201 11.16 13.83 -3.45
C LEU A 201 10.13 12.68 -3.52
N CYS A 202 9.84 12.04 -2.39
CA CYS A 202 8.79 11.02 -2.35
C CYS A 202 7.45 11.58 -2.83
N GLY A 203 7.08 12.74 -2.30
CA GLY A 203 5.81 13.35 -2.68
C GLY A 203 5.77 13.70 -4.15
N ALA A 204 6.92 13.94 -4.76
CA ALA A 204 6.95 14.26 -6.20
C ALA A 204 6.81 12.98 -7.01
N LEU A 205 7.65 11.99 -6.75
CA LEU A 205 7.72 10.80 -7.58
C LEU A 205 6.47 9.92 -7.49
N LYS A 206 5.79 9.93 -6.35
CA LYS A 206 4.67 9.00 -6.16
C LYS A 206 3.58 9.20 -7.20
N ASN A 207 3.45 10.42 -7.71
CA ASN A 207 2.46 10.70 -8.77
C ASN A 207 2.75 10.00 -10.12
N ILE A 208 4.00 9.66 -10.37
CA ILE A 208 4.32 8.89 -11.57
C ILE A 208 3.67 7.52 -11.44
N VAL A 209 3.88 6.90 -10.28
CA VAL A 209 3.40 5.55 -10.04
C VAL A 209 1.88 5.52 -10.04
N ALA A 210 1.25 6.59 -9.55
CA ALA A 210 -0.22 6.69 -9.58
C ALA A 210 -0.78 6.69 -11.01
N VAL A 211 -0.09 7.34 -11.96
CA VAL A 211 -0.55 7.34 -13.35
C VAL A 211 -0.51 5.89 -13.88
N GLY A 212 0.59 5.19 -13.63
CA GLY A 212 0.69 3.78 -14.00
C GLY A 212 -0.39 2.93 -13.36
N ALA A 213 -0.62 3.16 -12.08
CA ALA A 213 -1.64 2.42 -11.34
C ALA A 213 -3.02 2.65 -11.97
N GLY A 214 -3.29 3.90 -12.33
CA GLY A 214 -4.55 4.26 -12.99
C GLY A 214 -4.71 3.62 -14.35
N PHE A 215 -3.60 3.48 -15.09
CA PHE A 215 -3.61 2.78 -16.38
C PHE A 215 -4.05 1.32 -16.20
N CYS A 216 -3.49 0.64 -15.21
CA CYS A 216 -3.85 -0.76 -14.94
C CYS A 216 -5.30 -0.94 -14.54
N ASP A 217 -5.84 0.04 -13.83
CA ASP A 217 -7.28 0.06 -13.53
C ASP A 217 -8.07 0.17 -14.82
N GLY A 218 -7.60 1.00 -15.74
CA GLY A 218 -8.19 1.11 -17.08
C GLY A 218 -8.25 -0.22 -17.82
N LEU A 219 -7.22 -1.06 -17.62
CA LEU A 219 -7.18 -2.41 -18.20
C LEU A 219 -7.90 -3.50 -17.37
N ARG A 220 -8.63 -3.07 -16.34
CA ARG A 220 -9.37 -3.96 -15.41
C ARG A 220 -8.47 -5.02 -14.73
N CYS A 221 -7.33 -4.59 -14.21
CA CYS A 221 -6.29 -5.51 -13.70
C CYS A 221 -6.50 -6.06 -12.29
N GLY A 222 -7.16 -5.32 -11.43
CA GLY A 222 -7.40 -5.80 -10.06
C GLY A 222 -6.35 -5.41 -9.04
N ASP A 223 -6.58 -5.86 -7.81
CA ASP A 223 -5.76 -5.46 -6.66
C ASP A 223 -4.34 -6.08 -6.63
N ASN A 224 -4.19 -7.34 -7.00
CA ASN A 224 -2.86 -7.96 -7.02
C ASN A 224 -1.90 -7.19 -7.95
N THR A 225 -2.41 -6.77 -9.10
CA THR A 225 -1.59 -6.06 -10.07
C THR A 225 -1.24 -4.67 -9.54
N LYS A 226 -2.22 -3.98 -8.97
CA LYS A 226 -1.95 -2.63 -8.45
C LYS A 226 -0.91 -2.64 -7.34
N ALA A 227 -1.04 -3.62 -6.43
CA ALA A 227 -0.04 -3.82 -5.39
C ALA A 227 1.37 -4.05 -5.97
N ALA A 228 1.44 -4.82 -7.05
CA ALA A 228 2.71 -5.04 -7.76
C ALA A 228 3.27 -3.73 -8.32
N VAL A 229 2.38 -2.90 -8.87
CA VAL A 229 2.79 -1.61 -9.43
C VAL A 229 3.27 -0.69 -8.33
N ILE A 230 2.51 -0.62 -7.23
CA ILE A 230 2.92 0.20 -6.08
C ILE A 230 4.30 -0.21 -5.55
N ARG A 231 4.51 -1.50 -5.41
CA ARG A 231 5.74 -2.05 -4.88
C ARG A 231 6.93 -1.82 -5.82
N LEU A 232 6.77 -2.17 -7.11
CA LEU A 232 7.82 -1.90 -8.09
C LEU A 232 8.13 -0.40 -8.17
N GLY A 233 7.08 0.42 -8.11
CA GLY A 233 7.19 1.87 -8.12
C GLY A 233 8.02 2.40 -6.97
N LEU A 234 7.73 1.91 -5.76
CA LEU A 234 8.46 2.27 -4.53
C LEU A 234 9.95 1.98 -4.67
N MET A 235 10.29 0.82 -5.22
CA MET A 235 11.69 0.47 -5.48
C MET A 235 12.33 1.46 -6.45
N GLU A 236 11.60 1.87 -7.48
CA GLU A 236 12.15 2.85 -8.44
C GLU A 236 12.33 4.22 -7.76
N MET A 237 11.43 4.58 -6.85
CA MET A 237 11.55 5.80 -6.07
C MET A 237 12.83 5.82 -5.24
N ILE A 238 13.11 4.70 -4.56
CA ILE A 238 14.31 4.60 -3.70
C ILE A 238 15.54 4.68 -4.58
N ALA A 239 15.53 3.95 -5.70
CA ALA A 239 16.69 3.90 -6.60
C ALA A 239 16.96 5.27 -7.21
N PHE A 240 15.90 5.99 -7.57
CA PHE A 240 16.05 7.36 -8.05
C PHE A 240 16.65 8.28 -6.97
N ALA A 241 16.11 8.23 -5.76
CA ALA A 241 16.60 9.07 -4.67
C ALA A 241 18.10 8.84 -4.41
N ARG A 242 18.54 7.59 -4.43
CA ARG A 242 19.97 7.25 -4.25
C ARG A 242 20.88 7.96 -5.26
N ILE A 243 20.36 8.25 -6.44
CA ILE A 243 21.13 8.93 -7.50
C ILE A 243 21.00 10.44 -7.38
N PHE A 244 19.78 10.96 -7.50
CA PHE A 244 19.47 12.40 -7.44
C PHE A 244 19.93 13.11 -6.13
N CYS A 245 19.88 12.41 -4.99
CA CYS A 245 20.05 13.07 -3.68
C CYS A 245 21.48 13.29 -3.23
N LYS A 246 21.68 14.40 -2.55
CA LYS A 246 22.98 14.76 -1.98
C LYS A 246 23.17 13.98 -0.66
N GLY A 247 24.23 13.17 -0.59
CA GLY A 247 24.47 12.39 0.62
C GLY A 247 23.45 11.28 0.89
N GLN A 248 23.57 10.68 2.08
CA GLN A 248 22.83 9.47 2.43
C GLN A 248 21.33 9.61 2.21
N VAL A 249 20.70 8.46 2.01
CA VAL A 249 19.27 8.35 1.86
C VAL A 249 18.90 7.05 2.57
N SER A 250 18.08 7.14 3.60
CA SER A 250 17.74 5.97 4.41
C SER A 250 16.43 5.38 3.94
N THR A 251 16.37 4.05 3.91
CA THR A 251 15.14 3.36 3.55
C THR A 251 14.00 3.75 4.50
N ALA A 252 14.38 4.04 5.75
CA ALA A 252 13.45 4.43 6.81
C ALA A 252 12.48 5.53 6.37
N THR A 253 12.99 6.51 5.63
CA THR A 253 12.20 7.66 5.23
C THR A 253 11.07 7.25 4.32
N PHE A 254 11.30 6.20 3.54
CA PHE A 254 10.30 5.73 2.59
C PHE A 254 9.18 4.99 3.30
N LEU A 255 9.41 4.60 4.55
CA LEU A 255 8.37 3.99 5.38
C LEU A 255 7.60 5.03 6.22
N GLU A 256 7.94 6.31 6.10
CA GLU A 256 7.12 7.37 6.71
C GLU A 256 5.87 7.63 5.86
N SER A 257 4.96 8.46 6.34
CA SER A 257 3.73 8.74 5.60
C SER A 257 4.02 9.21 4.17
N CYS A 258 5.06 10.05 4.04
CA CYS A 258 5.44 10.60 2.74
C CYS A 258 5.76 9.54 1.71
N GLY A 259 6.17 8.35 2.15
CA GLY A 259 6.53 7.26 1.23
C GLY A 259 5.44 6.24 0.98
N VAL A 260 5.54 5.08 1.62
CA VAL A 260 4.62 3.98 1.29
C VAL A 260 3.14 4.40 1.42
N ALA A 261 2.81 5.20 2.44
CA ALA A 261 1.42 5.60 2.70
C ALA A 261 0.88 6.52 1.60
N ASP A 262 1.61 7.57 1.25
CA ASP A 262 1.11 8.48 0.22
C ASP A 262 0.97 7.76 -1.13
N LEU A 263 1.85 6.79 -1.37
CA LEU A 263 1.81 6.03 -2.60
C LEU A 263 0.52 5.21 -2.66
N ILE A 264 0.18 4.56 -1.55
CA ILE A 264 -1.06 3.81 -1.43
C ILE A 264 -2.31 4.69 -1.61
N THR A 265 -2.49 5.80 -0.86
CA THR A 265 -3.75 6.56 -1.08
C THR A 265 -3.81 7.16 -2.47
N THR A 266 -2.67 7.65 -2.96
CA THR A 266 -2.70 8.30 -4.27
C THR A 266 -3.10 7.29 -5.36
N CYS A 267 -2.57 6.07 -5.31
CA CYS A 267 -2.86 5.04 -6.32
C CYS A 267 -4.25 4.42 -6.20
N TYR A 268 -4.97 4.70 -5.10
CA TYR A 268 -6.33 4.20 -4.97
C TYR A 268 -7.38 5.32 -5.07
N GLY A 269 -7.06 6.51 -4.56
CA GLY A 269 -8.04 7.58 -4.50
C GLY A 269 -7.59 8.93 -5.03
N GLY A 270 -6.45 9.00 -5.71
CA GLY A 270 -5.94 10.30 -6.16
C GLY A 270 -6.49 10.73 -7.52
N ARG A 271 -6.27 11.99 -7.85
CA ARG A 271 -6.74 12.56 -9.10
C ARG A 271 -5.89 12.11 -10.30
N ASN A 272 -4.58 11.97 -10.12
CA ASN A 272 -3.74 11.41 -11.18
C ASN A 272 -4.26 10.04 -11.62
N ARG A 273 -4.55 9.19 -10.64
CA ARG A 273 -5.04 7.84 -10.91
C ARG A 273 -6.30 7.88 -11.74
N ARG A 274 -7.21 8.79 -11.40
CA ARG A 274 -8.54 8.83 -12.01
C ARG A 274 -8.46 9.27 -13.47
N VAL A 275 -7.65 10.28 -13.75
CA VAL A 275 -7.47 10.75 -15.11
C VAL A 275 -6.76 9.71 -15.95
N ALA A 276 -5.77 9.03 -15.35
CA ALA A 276 -5.00 7.99 -16.05
C ALA A 276 -5.94 6.85 -16.49
N GLU A 277 -6.80 6.41 -15.58
CA GLU A 277 -7.82 5.42 -15.93
C GLU A 277 -8.70 5.91 -17.10
N ALA A 278 -9.13 7.16 -17.04
CA ALA A 278 -9.93 7.75 -18.14
C ALA A 278 -9.15 7.78 -19.46
N PHE A 279 -7.84 8.05 -19.38
CA PHE A 279 -6.94 8.04 -20.53
C PHE A 279 -6.91 6.67 -21.16
N ALA A 280 -6.76 5.63 -20.34
CA ALA A 280 -6.68 4.25 -20.81
C ALA A 280 -7.99 3.76 -21.47
N ARG A 281 -9.12 4.33 -21.08
CA ARG A 281 -10.42 3.86 -21.58
C ARG A 281 -11.02 4.70 -22.70
N THR A 282 -10.69 5.99 -22.77
CA THR A 282 -11.34 6.89 -23.72
C THR A 282 -10.46 7.26 -24.92
N GLY A 283 -9.15 7.19 -24.76
CA GLY A 283 -8.22 7.59 -25.81
C GLY A 283 -8.16 9.10 -26.05
N LYS A 284 -8.65 9.89 -25.10
CA LYS A 284 -8.47 11.35 -25.16
C LYS A 284 -7.09 11.69 -24.63
N THR A 285 -6.70 12.96 -24.75
CA THR A 285 -5.42 13.43 -24.22
C THR A 285 -5.50 13.77 -22.72
N ILE A 286 -4.37 13.67 -22.03
CA ILE A 286 -4.26 14.06 -20.63
C ILE A 286 -4.77 15.48 -20.41
N GLU A 287 -4.20 16.43 -21.14
CA GLU A 287 -4.60 17.84 -21.11
C GLU A 287 -6.11 18.05 -21.26
N GLU A 288 -6.69 17.33 -22.21
CA GLU A 288 -8.11 17.41 -22.51
C GLU A 288 -8.95 16.82 -21.35
N LEU A 289 -8.50 15.68 -20.84
CA LEU A 289 -9.14 15.05 -19.68
C LEU A 289 -8.99 15.89 -18.42
N GLU A 290 -7.82 16.49 -18.24
CA GLU A 290 -7.58 17.39 -17.11
C GLU A 290 -8.60 18.52 -17.08
N LYS A 291 -8.84 19.12 -18.23
CA LYS A 291 -9.77 20.24 -18.31
C LYS A 291 -11.21 19.79 -18.06
N GLU A 292 -11.61 18.69 -18.68
CA GLU A 292 -12.99 18.22 -18.57
C GLU A 292 -13.33 17.60 -17.21
N MET A 293 -12.36 16.99 -16.54
CA MET A 293 -12.64 16.24 -15.31
C MET A 293 -12.38 16.98 -14.01
N LEU A 294 -11.42 17.92 -13.97
CA LEU A 294 -10.96 18.42 -12.68
C LEU A 294 -11.36 19.85 -12.26
N ASN A 295 -12.21 20.51 -13.06
CA ASN A 295 -12.74 21.85 -12.73
C ASN A 295 -11.68 22.81 -12.20
N GLY A 296 -10.59 22.96 -12.94
CA GLY A 296 -9.53 23.89 -12.61
C GLY A 296 -8.40 23.32 -11.77
N GLN A 297 -8.58 22.11 -11.25
CA GLN A 297 -7.52 21.48 -10.46
C GLN A 297 -6.43 20.92 -11.38
N LYS A 298 -5.26 20.65 -10.79
CA LYS A 298 -4.02 20.46 -11.55
C LYS A 298 -3.38 19.09 -11.31
N LEU A 299 -3.16 18.34 -12.39
CA LEU A 299 -2.32 17.13 -12.34
C LEU A 299 -0.85 17.50 -12.25
N GLN A 300 -0.04 16.55 -11.82
CA GLN A 300 1.42 16.70 -11.87
C GLN A 300 2.17 15.41 -12.29
N GLY A 301 1.49 14.26 -12.19
CA GLY A 301 2.12 12.97 -12.47
C GLY A 301 2.81 12.84 -13.82
N PRO A 302 2.09 13.15 -14.91
CA PRO A 302 2.69 13.10 -16.25
C PRO A 302 3.89 14.05 -16.43
N GLN A 303 3.70 15.32 -16.08
CA GLN A 303 4.76 16.32 -16.16
C GLN A 303 6.01 15.82 -15.44
N THR A 304 5.85 15.34 -14.20
CA THR A 304 6.94 14.76 -13.41
C THR A 304 7.59 13.57 -14.13
N SER A 305 6.78 12.72 -14.74
CA SER A 305 7.28 11.56 -15.50
C SER A 305 8.19 12.00 -16.64
N ALA A 306 7.82 13.11 -17.29
CA ALA A 306 8.60 13.67 -18.38
C ALA A 306 9.95 14.21 -17.90
N GLU A 307 9.95 14.90 -16.75
CA GLU A 307 11.17 15.45 -16.16
C GLU A 307 12.12 14.34 -15.68
N VAL A 308 11.57 13.33 -15.00
CA VAL A 308 12.37 12.18 -14.57
C VAL A 308 12.95 11.39 -15.76
N TYR A 309 12.13 11.18 -16.78
CA TYR A 309 12.57 10.48 -17.99
C TYR A 309 13.75 11.18 -18.64
N ARG A 310 13.67 12.50 -18.75
CA ARG A 310 14.76 13.27 -19.35
C ARG A 310 16.08 13.10 -18.61
N ILE A 311 16.02 13.16 -17.28
CA ILE A 311 17.26 13.07 -16.51
C ILE A 311 17.80 11.65 -16.52
N LEU A 312 16.91 10.67 -16.55
CA LEU A 312 17.33 9.27 -16.61
C LEU A 312 17.93 8.97 -17.99
N LYS A 313 17.34 9.50 -19.04
CA LYS A 313 17.94 9.43 -20.39
C LYS A 313 19.32 10.07 -20.47
N GLN A 314 19.47 11.26 -19.89
CA GLN A 314 20.76 11.95 -19.82
C GLN A 314 21.82 11.14 -19.04
N LYS A 315 21.36 10.42 -18.02
CA LYS A 315 22.26 9.66 -17.15
C LYS A 315 22.56 8.25 -17.67
N GLY A 316 21.85 7.83 -18.73
CA GLY A 316 22.03 6.50 -19.32
C GLY A 316 21.35 5.37 -18.57
N LEU A 317 20.24 5.67 -17.90
CA LEU A 317 19.66 4.75 -16.93
C LEU A 317 18.22 4.26 -17.20
N LEU A 318 17.64 4.62 -18.34
CA LEU A 318 16.25 4.23 -18.64
C LEU A 318 15.96 2.73 -18.50
N ASP A 319 16.85 1.89 -18.99
CA ASP A 319 16.69 0.44 -18.89
C ASP A 319 16.52 -0.08 -17.45
N LYS A 320 17.01 0.69 -16.48
CA LYS A 320 16.91 0.32 -15.06
C LYS A 320 15.65 0.83 -14.39
N PHE A 321 14.85 1.59 -15.13
CA PHE A 321 13.63 2.19 -14.60
C PHE A 321 12.44 1.93 -15.55
N PRO A 322 12.11 0.64 -15.79
CA PRO A 322 11.08 0.33 -16.78
C PRO A 322 9.71 0.91 -16.46
N LEU A 323 9.36 0.96 -15.18
CA LEU A 323 8.06 1.48 -14.77
C LEU A 323 7.94 2.97 -15.04
N PHE A 324 8.88 3.77 -14.54
CA PHE A 324 8.86 5.22 -14.77
C PHE A 324 8.90 5.50 -16.26
N THR A 325 9.71 4.77 -17.02
CA THR A 325 9.82 5.11 -18.45
C THR A 325 8.53 4.72 -19.20
N ALA A 326 7.91 3.62 -18.83
CA ALA A 326 6.62 3.19 -19.43
C ALA A 326 5.53 4.26 -19.28
N VAL A 327 5.44 4.85 -18.08
CA VAL A 327 4.42 5.87 -17.79
C VAL A 327 4.61 7.08 -18.71
N TYR A 328 5.86 7.48 -18.89
CA TYR A 328 6.18 8.59 -19.79
C TYR A 328 5.85 8.27 -21.26
N GLN A 329 6.24 7.09 -21.71
CA GLN A 329 6.07 6.73 -23.11
C GLN A 329 4.61 6.50 -23.47
N ILE A 330 3.81 6.03 -22.51
CA ILE A 330 2.37 5.91 -22.74
C ILE A 330 1.72 7.31 -22.75
N CYS A 331 2.16 8.20 -21.88
CA CYS A 331 1.65 9.58 -21.85
C CYS A 331 2.04 10.41 -23.07
N TYR A 332 3.30 10.35 -23.49
CA TYR A 332 3.79 11.31 -24.47
C TYR A 332 4.23 10.76 -25.81
N GLU A 333 4.51 9.46 -25.90
CA GLU A 333 5.06 8.89 -27.14
C GLU A 333 4.20 7.76 -27.74
N SER A 334 2.91 7.78 -27.42
CA SER A 334 1.90 6.90 -28.00
C SER A 334 2.10 5.41 -27.77
N ARG A 335 2.97 5.04 -26.84
CA ARG A 335 3.12 3.64 -26.48
C ARG A 335 1.75 3.13 -26.04
N PRO A 336 1.27 2.01 -26.62
CA PRO A 336 -0.04 1.47 -26.22
C PRO A 336 -0.12 1.24 -24.72
N VAL A 337 -1.27 1.53 -24.13
CA VAL A 337 -1.45 1.49 -22.68
C VAL A 337 -1.38 0.06 -22.15
N GLN A 338 -1.71 -0.93 -22.99
CA GLN A 338 -1.54 -2.35 -22.66
C GLN A 338 -0.12 -2.68 -22.21
N GLU A 339 0.87 -1.97 -22.74
CA GLU A 339 2.25 -2.23 -22.40
C GLU A 339 2.65 -1.82 -20.99
N MET A 340 1.75 -1.21 -20.21
CA MET A 340 1.97 -1.06 -18.76
C MET A 340 2.18 -2.43 -18.15
N LEU A 341 1.34 -3.39 -18.53
CA LEU A 341 1.50 -4.75 -18.05
C LEU A 341 2.82 -5.37 -18.49
N SER A 342 3.20 -5.12 -19.74
CA SER A 342 4.43 -5.69 -20.30
C SER A 342 5.66 -5.36 -19.47
N CYS A 343 5.80 -4.11 -19.06
CA CYS A 343 7.02 -3.71 -18.37
C CYS A 343 7.10 -4.24 -16.93
N LEU A 344 5.98 -4.72 -16.38
CA LEU A 344 6.01 -5.42 -15.10
C LEU A 344 6.58 -6.83 -15.29
N GLN A 345 6.15 -7.48 -16.37
CA GLN A 345 6.50 -8.88 -16.67
C GLN A 345 8.00 -9.14 -16.85
N SER A 346 8.74 -8.13 -17.32
CA SER A 346 10.19 -8.24 -17.53
C SER A 346 10.95 -6.99 -17.06
N ALA B 4 13.99 -39.15 -14.55
CA ALA B 4 12.69 -39.56 -13.94
C ALA B 4 11.85 -38.32 -13.58
N PRO B 5 10.93 -37.91 -14.48
CA PRO B 5 10.14 -36.68 -14.26
C PRO B 5 9.51 -36.58 -12.87
N LEU B 6 9.69 -35.42 -12.23
CA LEU B 6 9.31 -35.21 -10.84
C LEU B 6 7.79 -35.19 -10.69
N LYS B 7 7.29 -35.99 -9.75
CA LYS B 7 5.85 -36.09 -9.51
C LYS B 7 5.44 -35.03 -8.49
N VAL B 8 4.46 -34.21 -8.86
CA VAL B 8 4.00 -33.12 -8.00
C VAL B 8 2.70 -33.49 -7.31
N CYS B 9 2.56 -33.04 -6.07
CA CYS B 9 1.37 -33.31 -5.28
C CYS B 9 0.95 -32.12 -4.39
N ILE B 10 -0.36 -31.83 -4.39
CA ILE B 10 -0.91 -30.73 -3.61
C ILE B 10 -1.79 -31.24 -2.46
N VAL B 11 -1.45 -30.82 -1.23
CA VAL B 11 -2.25 -31.10 -0.03
C VAL B 11 -3.14 -29.90 0.32
N GLY B 12 -4.40 -29.98 -0.04
CA GLY B 12 -5.36 -28.88 0.12
C GLY B 12 -6.02 -28.57 -1.21
N SER B 13 -7.22 -27.98 -1.16
CA SER B 13 -8.00 -27.77 -2.38
C SER B 13 -9.01 -26.60 -2.31
N GLY B 14 -8.80 -25.67 -1.39
CA GLY B 14 -9.70 -24.53 -1.24
C GLY B 14 -9.50 -23.42 -2.26
N ASN B 15 -10.04 -22.25 -1.93
CA ASN B 15 -9.95 -21.11 -2.84
C ASN B 15 -8.55 -20.96 -3.48
N TRP B 16 -7.51 -20.81 -2.64
CA TRP B 16 -6.13 -20.68 -3.13
C TRP B 16 -5.56 -21.98 -3.66
N GLY B 17 -5.93 -23.12 -3.06
CA GLY B 17 -5.41 -24.42 -3.48
C GLY B 17 -5.80 -24.81 -4.90
N SER B 18 -7.09 -24.69 -5.20
CA SER B 18 -7.62 -24.85 -6.55
C SER B 18 -6.88 -23.94 -7.54
N ALA B 19 -6.64 -22.70 -7.13
CA ALA B 19 -5.90 -21.75 -7.97
C ALA B 19 -4.46 -22.20 -8.25
N VAL B 20 -3.72 -22.67 -7.24
CA VAL B 20 -2.35 -23.12 -7.47
C VAL B 20 -2.38 -24.44 -8.28
N ALA B 21 -3.40 -25.26 -8.04
CA ALA B 21 -3.59 -26.48 -8.80
C ALA B 21 -3.90 -26.21 -10.27
N LYS B 22 -4.60 -25.11 -10.56
CA LYS B 22 -4.83 -24.70 -11.94
C LYS B 22 -3.48 -24.41 -12.58
N ILE B 23 -2.69 -23.59 -11.90
CA ILE B 23 -1.36 -23.18 -12.37
C ILE B 23 -0.43 -24.36 -12.59
N ILE B 24 -0.33 -25.23 -11.59
CA ILE B 24 0.58 -26.38 -11.67
C ILE B 24 0.20 -27.33 -12.81
N GLY B 25 -1.11 -27.55 -12.99
CA GLY B 25 -1.62 -28.42 -14.06
C GLY B 25 -1.15 -27.99 -15.44
N ASN B 26 -1.20 -26.68 -15.73
CA ASN B 26 -0.74 -26.16 -17.01
C ASN B 26 0.77 -26.22 -17.17
N ASN B 27 1.49 -25.69 -16.19
CA ASN B 27 2.95 -25.64 -16.26
C ASN B 27 3.59 -27.04 -16.36
N VAL B 28 2.91 -28.05 -15.82
CA VAL B 28 3.43 -29.41 -15.76
C VAL B 28 3.38 -30.11 -17.12
N LYS B 29 2.24 -30.00 -17.80
CA LYS B 29 2.11 -30.51 -19.16
C LYS B 29 3.20 -29.94 -20.06
N LYS B 30 3.57 -28.68 -19.87
CA LYS B 30 4.55 -28.02 -20.75
C LYS B 30 6.01 -28.01 -20.25
N LEU B 31 6.37 -28.96 -19.38
CA LEU B 31 7.74 -29.05 -18.85
C LEU B 31 8.19 -30.50 -18.68
N GLN B 32 9.32 -30.84 -19.33
CA GLN B 32 9.86 -32.21 -19.30
C GLN B 32 10.29 -32.64 -17.89
N LYS B 33 10.73 -31.67 -17.08
CA LYS B 33 11.12 -31.91 -15.68
C LYS B 33 9.98 -32.45 -14.79
N PHE B 34 8.74 -32.13 -15.16
CA PHE B 34 7.58 -32.41 -14.29
C PHE B 34 6.55 -33.37 -14.88
N ALA B 35 6.16 -34.35 -14.06
CA ALA B 35 5.18 -35.37 -14.45
C ALA B 35 3.83 -34.76 -14.75
N SER B 36 3.28 -35.12 -15.91
CA SER B 36 1.99 -34.65 -16.43
C SER B 36 0.83 -34.68 -15.41
N THR B 37 0.59 -35.86 -14.83
CA THR B 37 -0.55 -36.07 -13.94
C THR B 37 -0.22 -35.60 -12.53
N VAL B 38 -1.11 -34.78 -11.96
CA VAL B 38 -0.93 -34.16 -10.65
C VAL B 38 -1.99 -34.59 -9.64
N LYS B 39 -1.59 -35.35 -8.62
CA LYS B 39 -2.49 -35.73 -7.53
C LYS B 39 -2.77 -34.51 -6.61
N MET B 40 -4.04 -34.30 -6.28
CA MET B 40 -4.48 -33.23 -5.37
C MET B 40 -5.39 -33.82 -4.31
N TRP B 41 -5.09 -33.57 -3.04
CA TRP B 41 -5.91 -34.09 -1.94
C TRP B 41 -7.06 -33.16 -1.60
N VAL B 42 -8.27 -33.71 -1.67
CA VAL B 42 -9.50 -32.99 -1.33
C VAL B 42 -10.15 -33.65 -0.14
N PHE B 43 -10.17 -32.94 0.98
CA PHE B 43 -11.01 -33.27 2.12
C PHE B 43 -12.45 -33.42 1.61
N GLU B 44 -13.01 -34.63 1.71
CA GLU B 44 -14.26 -34.94 1.03
C GLU B 44 -15.49 -34.30 1.68
N GLU B 45 -16.39 -33.79 0.82
CA GLU B 45 -17.61 -33.11 1.22
C GLU B 45 -18.74 -33.45 0.25
N THR B 46 -19.99 -33.19 0.63
CA THR B 46 -21.13 -33.31 -0.29
C THR B 46 -21.60 -31.94 -0.79
N VAL B 47 -21.46 -31.70 -2.10
CA VAL B 47 -21.99 -30.51 -2.76
C VAL B 47 -23.09 -30.94 -3.73
N ASN B 48 -24.22 -30.23 -3.67
CA ASN B 48 -25.41 -30.53 -4.47
C ASN B 48 -25.68 -32.01 -4.61
N GLY B 49 -25.49 -32.75 -3.52
CA GLY B 49 -25.77 -34.20 -3.50
C GLY B 49 -24.72 -35.10 -4.12
N ARG B 50 -23.50 -34.59 -4.28
CA ARG B 50 -22.39 -35.33 -4.90
C ARG B 50 -21.10 -35.14 -4.10
N LYS B 51 -20.20 -36.12 -4.18
CA LYS B 51 -18.86 -35.99 -3.62
C LYS B 51 -18.09 -34.94 -4.43
N LEU B 52 -17.40 -34.02 -3.74
CA LEU B 52 -16.66 -32.96 -4.43
C LEU B 52 -15.66 -33.61 -5.39
N THR B 53 -14.87 -34.56 -4.85
CA THR B 53 -13.90 -35.28 -5.66
C THR B 53 -14.49 -35.67 -7.02
N ASP B 54 -15.69 -36.28 -7.00
CA ASP B 54 -16.40 -36.62 -8.25
C ASP B 54 -16.75 -35.42 -9.13
N ILE B 55 -17.14 -34.30 -8.53
CA ILE B 55 -17.36 -33.07 -9.29
C ILE B 55 -16.06 -32.65 -10.01
N ILE B 56 -14.98 -32.54 -9.25
CA ILE B 56 -13.71 -32.09 -9.83
C ILE B 56 -13.27 -33.01 -10.97
N ASN B 57 -13.39 -34.31 -10.78
CA ASN B 57 -12.90 -35.26 -11.78
C ASN B 57 -13.80 -35.44 -12.99
N ASN B 58 -15.08 -35.09 -12.85
CA ASN B 58 -16.04 -35.20 -13.96
C ASN B 58 -16.26 -33.88 -14.69
N ASP B 59 -16.39 -32.80 -13.92
CA ASP B 59 -16.67 -31.49 -14.50
C ASP B 59 -15.45 -30.57 -14.53
N HIS B 60 -14.36 -30.97 -13.87
CA HIS B 60 -13.14 -30.19 -13.87
C HIS B 60 -13.35 -28.75 -13.40
N GLU B 61 -13.79 -28.63 -12.14
CA GLU B 61 -14.16 -27.37 -11.55
C GLU B 61 -14.51 -27.61 -10.10
N ASN B 62 -13.77 -26.99 -9.18
CA ASN B 62 -14.16 -26.94 -7.77
C ASN B 62 -15.29 -25.93 -7.63
N VAL B 63 -16.52 -26.41 -7.84
CA VAL B 63 -17.71 -25.56 -7.84
C VAL B 63 -17.91 -24.82 -6.52
N LYS B 64 -17.45 -25.40 -5.42
CA LYS B 64 -17.61 -24.77 -4.11
C LYS B 64 -16.58 -23.67 -3.82
N TYR B 65 -15.30 -23.94 -4.08
CA TYR B 65 -14.22 -23.03 -3.62
C TYR B 65 -13.51 -22.21 -4.71
N LEU B 66 -13.55 -22.66 -5.95
CA LEU B 66 -13.07 -21.85 -7.09
C LEU B 66 -14.06 -21.98 -8.25
N PRO B 67 -15.29 -21.48 -8.04
CA PRO B 67 -16.33 -21.58 -9.07
C PRO B 67 -16.02 -20.75 -10.33
N GLY B 68 -16.32 -21.34 -11.48
CA GLY B 68 -16.16 -20.67 -12.77
C GLY B 68 -14.74 -20.69 -13.31
N HIS B 69 -13.94 -21.67 -12.90
CA HIS B 69 -12.61 -21.86 -13.45
C HIS B 69 -12.36 -23.34 -13.65
N LYS B 70 -12.00 -23.69 -14.89
CA LYS B 70 -11.72 -25.08 -15.20
C LYS B 70 -10.34 -25.44 -14.66
N LEU B 71 -10.29 -26.56 -13.95
CA LEU B 71 -9.04 -27.15 -13.53
C LEU B 71 -8.64 -28.14 -14.60
N PRO B 72 -7.36 -28.15 -14.99
CA PRO B 72 -6.88 -29.07 -16.02
C PRO B 72 -7.25 -30.54 -15.75
N GLU B 73 -7.45 -31.30 -16.82
CA GLU B 73 -7.81 -32.71 -16.72
C GLU B 73 -6.75 -33.54 -16.00
N ASN B 74 -5.48 -33.12 -16.12
CA ASN B 74 -4.36 -33.87 -15.53
C ASN B 74 -4.20 -33.64 -14.02
N VAL B 75 -5.00 -32.75 -13.45
CA VAL B 75 -5.12 -32.68 -12.00
C VAL B 75 -6.25 -33.65 -11.60
N VAL B 76 -5.79 -34.66 -10.73
CA VAL B 76 -6.72 -35.68 -10.24
C VAL B 76 -7.03 -35.50 -8.76
N ALA B 77 -8.31 -35.30 -8.46
CA ALA B 77 -8.79 -35.20 -7.08
C ALA B 77 -8.71 -36.58 -6.41
N MET B 78 -8.24 -36.62 -5.18
CA MET B 78 -8.10 -37.86 -4.41
C MET B 78 -8.57 -37.63 -2.97
N SER B 79 -9.52 -38.45 -2.52
CA SER B 79 -10.01 -38.39 -1.14
C SER B 79 -9.01 -38.98 -0.13
N ASN B 80 -8.21 -39.95 -0.56
CA ASN B 80 -7.28 -40.68 0.30
C ASN B 80 -5.93 -39.95 0.40
N LEU B 81 -5.63 -39.41 1.57
CA LEU B 81 -4.43 -38.57 1.75
C LEU B 81 -3.15 -39.38 1.63
N SER B 82 -3.17 -40.62 2.11
CA SER B 82 -2.01 -41.50 1.99
C SER B 82 -1.63 -41.77 0.53
N GLU B 83 -2.63 -42.03 -0.31
CA GLU B 83 -2.43 -42.32 -1.75
C GLU B 83 -1.79 -41.14 -2.50
N ALA B 84 -2.44 -39.99 -2.47
CA ALA B 84 -1.90 -38.78 -3.10
C ALA B 84 -0.44 -38.50 -2.71
N VAL B 85 -0.12 -38.82 -1.45
CA VAL B 85 1.20 -38.51 -0.87
C VAL B 85 2.28 -39.54 -1.21
N GLN B 86 1.96 -40.83 -1.12
CA GLN B 86 2.96 -41.87 -1.42
C GLN B 86 3.48 -41.65 -2.84
N ASP B 87 4.80 -41.77 -2.99
CA ASP B 87 5.51 -41.58 -4.28
C ASP B 87 5.74 -40.10 -4.68
N ALA B 88 5.20 -39.17 -3.89
CA ALA B 88 5.35 -37.74 -4.18
C ALA B 88 6.81 -37.30 -4.11
N ASP B 89 7.25 -36.55 -5.12
CA ASP B 89 8.57 -35.91 -5.12
C ASP B 89 8.46 -34.55 -4.48
N LEU B 90 7.58 -33.73 -5.05
CA LEU B 90 7.37 -32.36 -4.62
C LEU B 90 6.01 -32.26 -3.94
N LEU B 91 6.00 -31.66 -2.75
CA LEU B 91 4.78 -31.48 -1.96
C LEU B 91 4.46 -30.00 -1.75
N VAL B 92 3.31 -29.58 -2.26
CA VAL B 92 2.82 -28.21 -2.10
C VAL B 92 1.75 -28.19 -1.01
N PHE B 93 2.07 -27.57 0.12
CA PHE B 93 1.14 -27.48 1.25
C PHE B 93 0.32 -26.20 1.20
N VAL B 94 -0.98 -26.33 0.90
CA VAL B 94 -1.89 -25.18 0.80
C VAL B 94 -3.24 -25.52 1.46
N ILE B 95 -3.27 -25.43 2.78
CA ILE B 95 -4.45 -25.71 3.60
C ILE B 95 -4.57 -24.69 4.73
N PRO B 96 -5.79 -24.28 5.10
CA PRO B 96 -5.95 -23.43 6.27
C PRO B 96 -5.17 -23.95 7.47
N HIS B 97 -4.55 -23.02 8.19
CA HIS B 97 -3.57 -23.33 9.24
C HIS B 97 -4.07 -24.32 10.29
N GLN B 98 -5.30 -24.14 10.77
CA GLN B 98 -5.85 -24.98 11.84
C GLN B 98 -5.78 -26.50 11.59
N PHE B 99 -5.88 -26.90 10.32
CA PHE B 99 -5.90 -28.32 9.95
C PHE B 99 -4.50 -28.95 9.79
N ILE B 100 -3.44 -28.14 9.78
CA ILE B 100 -2.11 -28.67 9.43
C ILE B 100 -1.58 -29.74 10.40
N HIS B 101 -1.86 -29.61 11.69
CA HIS B 101 -1.48 -30.66 12.64
C HIS B 101 -2.13 -31.99 12.28
N ARG B 102 -3.46 -31.97 12.09
CA ARG B 102 -4.22 -33.18 11.76
C ARG B 102 -3.68 -33.87 10.51
N ILE B 103 -3.21 -33.06 9.56
CA ILE B 103 -2.67 -33.58 8.30
C ILE B 103 -1.35 -34.32 8.48
N CYS B 104 -0.38 -33.68 9.14
CA CYS B 104 0.93 -34.28 9.36
C CYS B 104 0.87 -35.52 10.25
N ASP B 105 0.02 -35.48 11.26
CA ASP B 105 -0.21 -36.64 12.13
C ASP B 105 -0.60 -37.87 11.29
N GLU B 106 -1.42 -37.65 10.26
CA GLU B 106 -1.91 -38.73 9.41
C GLU B 106 -0.91 -39.23 8.34
N ILE B 107 0.07 -38.39 7.95
CA ILE B 107 1.03 -38.79 6.89
C ILE B 107 2.50 -38.59 7.27
N THR B 108 2.80 -38.59 8.56
CA THR B 108 4.19 -38.55 9.02
C THR B 108 4.84 -39.93 8.78
N GLY B 109 5.96 -39.93 8.07
CA GLY B 109 6.68 -41.16 7.75
C GLY B 109 6.03 -42.00 6.66
N ARG B 110 5.20 -41.36 5.83
CA ARG B 110 4.56 -42.02 4.68
C ARG B 110 4.89 -41.31 3.37
N VAL B 111 5.97 -40.52 3.38
CA VAL B 111 6.43 -39.78 2.21
C VAL B 111 7.89 -40.15 1.99
N PRO B 112 8.33 -40.25 0.71
CA PRO B 112 9.75 -40.44 0.43
C PRO B 112 10.65 -39.42 1.16
N LYS B 113 11.75 -39.90 1.75
CA LYS B 113 12.69 -39.05 2.50
C LYS B 113 13.41 -38.05 1.60
N LYS B 114 13.59 -38.43 0.32
CA LYS B 114 14.26 -37.57 -0.67
C LYS B 114 13.39 -36.37 -1.11
N ALA B 115 12.10 -36.41 -0.80
CA ALA B 115 11.14 -35.45 -1.32
C ALA B 115 11.31 -34.05 -0.73
N LEU B 116 10.94 -33.04 -1.51
CA LEU B 116 10.96 -31.62 -1.10
C LEU B 116 9.54 -31.11 -0.95
N GLY B 117 9.35 -30.18 -0.03
CA GLY B 117 8.04 -29.55 0.18
C GLY B 117 8.10 -28.03 0.26
N ILE B 118 6.94 -27.40 0.03
CA ILE B 118 6.77 -25.95 0.13
C ILE B 118 5.47 -25.63 0.86
N THR B 119 5.49 -24.59 1.69
CA THR B 119 4.32 -24.18 2.46
C THR B 119 3.80 -22.82 1.98
N LEU B 120 2.51 -22.77 1.66
CA LEU B 120 1.84 -21.56 1.23
C LEU B 120 0.84 -21.10 2.31
N ILE B 121 0.90 -21.73 3.49
CA ILE B 121 -0.05 -21.47 4.57
C ILE B 121 0.33 -20.19 5.28
N LYS B 122 -0.65 -19.33 5.53
CA LYS B 122 -0.43 -18.05 6.22
C LYS B 122 -0.95 -18.10 7.65
N GLY B 123 -0.05 -18.00 8.61
CA GLY B 123 -0.40 -18.06 10.01
C GLY B 123 0.78 -18.51 10.86
N ILE B 124 0.59 -18.55 12.17
CA ILE B 124 1.59 -19.10 13.06
C ILE B 124 0.93 -20.13 13.98
N ASP B 125 1.76 -20.87 14.68
CA ASP B 125 1.30 -21.99 15.48
C ASP B 125 1.54 -21.72 16.95
N GLU B 126 0.65 -22.20 17.80
CA GLU B 126 0.81 -22.05 19.25
C GLU B 126 1.87 -23.01 19.78
N GLY B 127 3.00 -22.46 20.24
CA GLY B 127 4.15 -23.24 20.70
C GLY B 127 4.34 -23.16 22.21
N PRO B 128 5.32 -23.91 22.75
CA PRO B 128 5.58 -23.95 24.20
C PRO B 128 6.49 -22.83 24.72
N GLU B 129 7.44 -22.38 23.90
CA GLU B 129 8.39 -21.34 24.32
C GLU B 129 8.20 -20.04 23.52
N GLY B 130 6.99 -19.83 22.99
CA GLY B 130 6.65 -18.60 22.28
C GLY B 130 6.29 -18.86 20.82
N LEU B 131 6.92 -18.10 19.93
CA LEU B 131 6.63 -18.15 18.49
C LEU B 131 7.10 -19.47 17.83
N LYS B 132 6.18 -20.18 17.19
CA LYS B 132 6.53 -21.35 16.38
C LYS B 132 5.93 -21.17 14.99
N LEU B 133 6.76 -21.33 13.95
CA LEU B 133 6.31 -21.17 12.57
C LEU B 133 5.70 -22.47 12.07
N ILE B 134 4.70 -22.35 11.19
CA ILE B 134 4.06 -23.51 10.59
C ILE B 134 5.06 -24.38 9.82
N SER B 135 5.99 -23.74 9.11
CA SER B 135 7.02 -24.48 8.38
C SER B 135 7.86 -25.38 9.27
N ASP B 136 8.13 -24.95 10.50
CA ASP B 136 8.86 -25.78 11.46
C ASP B 136 8.03 -27.00 11.90
N ILE B 137 6.75 -26.78 12.18
CA ILE B 137 5.84 -27.88 12.54
C ILE B 137 5.78 -28.90 11.40
N ILE B 138 5.89 -28.44 10.14
CA ILE B 138 5.99 -29.35 9.00
C ILE B 138 7.36 -30.04 8.93
N ARG B 139 8.45 -29.30 9.15
CA ARG B 139 9.80 -29.89 9.10
C ARG B 139 9.96 -30.99 10.15
N GLU B 140 9.54 -30.71 11.37
CA GLU B 140 9.75 -31.61 12.50
C GLU B 140 8.98 -32.92 12.37
N LYS B 141 7.79 -32.85 11.75
CA LYS B 141 6.92 -34.02 11.63
C LYS B 141 7.13 -34.79 10.32
N MET B 142 7.52 -34.09 9.25
CA MET B 142 7.75 -34.74 7.95
C MET B 142 9.22 -35.06 7.70
N GLY B 143 10.12 -34.29 8.30
CA GLY B 143 11.56 -34.55 8.17
C GLY B 143 12.11 -34.30 6.78
N ILE B 144 11.52 -33.34 6.07
CA ILE B 144 12.01 -32.95 4.74
C ILE B 144 12.26 -31.45 4.69
N ASP B 145 12.92 -31.00 3.62
CA ASP B 145 13.20 -29.58 3.43
C ASP B 145 11.95 -28.84 3.01
N ILE B 146 11.71 -27.69 3.64
CA ILE B 146 10.49 -26.94 3.43
C ILE B 146 10.78 -25.49 3.03
N SER B 147 10.38 -25.16 1.81
CA SER B 147 10.39 -23.81 1.30
C SER B 147 9.05 -23.15 1.63
N VAL B 148 8.94 -21.88 1.27
CA VAL B 148 7.82 -21.02 1.64
C VAL B 148 7.39 -20.22 0.40
N LEU B 149 6.09 -19.96 0.26
CA LEU B 149 5.58 -19.07 -0.82
C LEU B 149 4.49 -18.14 -0.27
N MET B 150 4.80 -16.84 -0.29
CA MET B 150 3.97 -15.77 0.26
C MET B 150 3.98 -14.56 -0.67
N GLY B 151 2.82 -14.02 -1.00
CA GLY B 151 2.78 -12.82 -1.84
C GLY B 151 1.40 -12.27 -2.06
N ALA B 152 1.33 -11.22 -2.87
CA ALA B 152 0.07 -10.50 -3.17
C ALA B 152 -0.75 -11.30 -4.18
N ASN B 153 -1.52 -12.26 -3.66
CA ASN B 153 -2.08 -13.36 -4.44
C ASN B 153 -3.54 -13.69 -4.14
N ILE B 154 -4.45 -12.72 -4.19
CA ILE B 154 -5.86 -13.04 -4.12
C ILE B 154 -6.19 -14.11 -5.20
N ALA B 155 -6.66 -15.28 -4.75
CA ALA B 155 -6.83 -16.46 -5.61
C ALA B 155 -7.75 -16.21 -6.80
N ASN B 156 -8.86 -15.53 -6.57
CA ASN B 156 -9.81 -15.26 -7.64
C ASN B 156 -9.20 -14.42 -8.78
N GLU B 157 -8.24 -13.56 -8.46
CA GLU B 157 -7.53 -12.81 -9.50
C GLU B 157 -6.42 -13.64 -10.16
N VAL B 158 -5.67 -14.38 -9.37
CA VAL B 158 -4.63 -15.24 -9.93
C VAL B 158 -5.29 -16.19 -10.95
N ALA B 159 -6.36 -16.87 -10.52
CA ALA B 159 -7.12 -17.80 -11.36
C ALA B 159 -7.65 -17.17 -12.67
N ALA B 160 -7.96 -15.87 -12.63
CA ALA B 160 -8.38 -15.12 -13.83
C ALA B 160 -7.18 -14.70 -14.67
N GLU B 161 -5.99 -15.13 -14.27
CA GLU B 161 -4.76 -14.82 -14.97
C GLU B 161 -4.45 -13.31 -15.02
N LYS B 162 -4.78 -12.60 -13.95
CA LYS B 162 -4.36 -11.21 -13.79
C LYS B 162 -2.90 -11.24 -13.27
N PHE B 163 -2.09 -10.31 -13.74
CA PHE B 163 -0.66 -10.26 -13.37
C PHE B 163 -0.45 -10.09 -11.87
N CYS B 164 0.49 -10.84 -11.32
CA CYS B 164 0.87 -10.68 -9.91
C CYS B 164 2.25 -11.25 -9.62
N GLU B 165 2.74 -10.98 -8.42
CA GLU B 165 4.04 -11.50 -7.95
C GLU B 165 3.87 -12.38 -6.71
N THR B 166 4.90 -13.14 -6.39
CA THR B 166 5.04 -13.78 -5.07
C THR B 166 6.52 -13.89 -4.74
N THR B 167 6.79 -14.26 -3.50
CA THR B 167 8.13 -14.41 -3.01
C THR B 167 8.25 -15.85 -2.52
N ILE B 168 9.25 -16.57 -3.03
CA ILE B 168 9.59 -17.89 -2.48
C ILE B 168 10.70 -17.68 -1.46
N GLY B 169 10.47 -18.20 -0.25
CA GLY B 169 11.46 -18.16 0.82
C GLY B 169 12.13 -19.49 0.90
N SER B 170 13.46 -19.52 0.91
CA SER B 170 14.18 -20.75 0.61
C SER B 170 15.60 -20.81 1.17
N LYS B 171 15.76 -21.50 2.30
CA LYS B 171 17.08 -21.71 2.92
C LYS B 171 18.06 -22.51 2.04
N VAL B 172 17.55 -23.47 1.27
CA VAL B 172 18.36 -24.10 0.21
C VAL B 172 17.91 -23.51 -1.12
N MET B 173 18.71 -22.61 -1.69
CA MET B 173 18.29 -21.85 -2.87
C MET B 173 17.94 -22.73 -4.09
N GLU B 174 18.68 -23.82 -4.30
CA GLU B 174 18.36 -24.76 -5.39
C GLU B 174 16.91 -25.25 -5.27
N ASN B 175 16.49 -25.58 -4.05
CA ASN B 175 15.11 -25.97 -3.80
C ASN B 175 14.16 -24.85 -4.22
N GLY B 176 14.42 -23.64 -3.74
CA GLY B 176 13.59 -22.48 -4.09
C GLY B 176 13.47 -22.28 -5.59
N LEU B 177 14.59 -22.44 -6.28
CA LEU B 177 14.65 -22.30 -7.74
C LEU B 177 13.85 -23.38 -8.48
N LEU B 178 13.72 -24.55 -7.87
CA LEU B 178 12.96 -25.65 -8.49
C LEU B 178 11.49 -25.29 -8.52
N PHE B 179 10.95 -24.94 -7.36
CA PHE B 179 9.55 -24.51 -7.24
C PHE B 179 9.25 -23.26 -8.06
N LYS B 180 10.27 -22.45 -8.34
CA LYS B 180 10.09 -21.30 -9.23
C LYS B 180 9.86 -21.73 -10.67
N GLU B 181 10.63 -22.70 -11.16
CA GLU B 181 10.43 -23.24 -12.50
C GLU B 181 9.08 -23.93 -12.62
N LEU B 182 8.66 -24.61 -11.54
CA LEU B 182 7.36 -25.29 -11.49
C LEU B 182 6.22 -24.29 -11.59
N LEU B 183 6.22 -23.31 -10.69
CA LEU B 183 5.06 -22.43 -10.43
C LEU B 183 4.94 -21.19 -11.31
N GLN B 184 6.03 -20.69 -11.87
CA GLN B 184 5.96 -19.40 -12.58
C GLN B 184 5.15 -19.46 -13.88
N THR B 185 4.61 -18.31 -14.25
CA THR B 185 3.93 -18.09 -15.53
C THR B 185 4.26 -16.64 -15.91
N PRO B 186 3.93 -16.24 -17.16
CA PRO B 186 4.13 -14.84 -17.52
C PRO B 186 3.33 -13.85 -16.66
N ASN B 187 2.22 -14.32 -16.08
CA ASN B 187 1.39 -13.49 -15.18
C ASN B 187 1.55 -13.83 -13.68
N PHE B 188 2.57 -14.61 -13.35
CA PHE B 188 2.81 -15.02 -11.96
C PHE B 188 4.32 -15.00 -11.71
N ARG B 189 4.83 -13.80 -11.45
CA ARG B 189 6.27 -13.54 -11.39
C ARG B 189 6.85 -13.83 -10.00
N ILE B 190 7.79 -14.78 -9.93
CA ILE B 190 8.36 -15.24 -8.66
C ILE B 190 9.78 -14.73 -8.42
N THR B 191 10.02 -14.19 -7.23
CA THR B 191 11.37 -13.87 -6.77
C THR B 191 11.77 -14.84 -5.65
N VAL B 192 13.01 -15.31 -5.68
CA VAL B 192 13.52 -16.24 -4.69
C VAL B 192 14.52 -15.57 -3.76
N VAL B 193 14.18 -15.55 -2.48
CA VAL B 193 15.05 -15.00 -1.43
C VAL B 193 15.36 -16.10 -0.42
N ASP B 194 16.45 -15.95 0.33
CA ASP B 194 16.83 -17.03 1.26
C ASP B 194 16.42 -16.83 2.72
N ASP B 195 15.78 -15.72 3.05
CA ASP B 195 15.29 -15.49 4.42
C ASP B 195 13.84 -15.95 4.55
N ALA B 196 13.68 -17.28 4.52
CA ALA B 196 12.37 -17.92 4.48
C ALA B 196 11.49 -17.54 5.67
N ASP B 197 12.08 -17.39 6.84
CA ASP B 197 11.32 -17.14 8.06
C ASP B 197 10.61 -15.78 8.03
N THR B 198 11.33 -14.73 7.63
CA THR B 198 10.74 -13.39 7.57
C THR B 198 9.64 -13.39 6.54
N VAL B 199 9.91 -13.99 5.37
CA VAL B 199 8.92 -14.08 4.30
C VAL B 199 7.65 -14.73 4.83
N GLU B 200 7.82 -15.85 5.54
CA GLU B 200 6.70 -16.58 6.11
C GLU B 200 5.97 -15.73 7.14
N LEU B 201 6.75 -15.01 7.95
CA LEU B 201 6.21 -14.24 9.05
C LEU B 201 5.39 -13.04 8.55
N CYS B 202 5.79 -12.46 7.42
CA CYS B 202 5.03 -11.40 6.77
C CYS B 202 3.66 -11.90 6.35
N GLY B 203 3.64 -13.07 5.73
CA GLY B 203 2.41 -13.76 5.39
C GLY B 203 1.45 -13.90 6.57
N ALA B 204 1.97 -14.25 7.74
CA ALA B 204 1.11 -14.48 8.90
C ALA B 204 0.58 -13.15 9.47
N LEU B 205 1.49 -12.22 9.72
CA LEU B 205 1.14 -10.98 10.41
C LEU B 205 0.23 -10.04 9.59
N LYS B 206 0.35 -10.06 8.26
CA LYS B 206 -0.40 -9.10 7.44
C LYS B 206 -1.91 -9.26 7.61
N ASN B 207 -2.37 -10.47 7.90
CA ASN B 207 -3.78 -10.70 8.15
C ASN B 207 -4.31 -10.03 9.43
N ILE B 208 -3.42 -9.71 10.37
CA ILE B 208 -3.87 -8.95 11.54
C ILE B 208 -4.19 -7.51 11.13
N VAL B 209 -3.30 -6.92 10.36
CA VAL B 209 -3.47 -5.56 9.86
C VAL B 209 -4.74 -5.48 9.00
N ALA B 210 -5.00 -6.51 8.17
CA ALA B 210 -6.22 -6.56 7.34
C ALA B 210 -7.52 -6.52 8.15
N VAL B 211 -7.57 -7.20 9.29
CA VAL B 211 -8.75 -7.11 10.16
C VAL B 211 -8.88 -5.66 10.64
N GLY B 212 -7.76 -5.06 11.05
CA GLY B 212 -7.74 -3.66 11.45
C GLY B 212 -8.27 -2.73 10.37
N ALA B 213 -7.87 -3.00 9.12
CA ALA B 213 -8.23 -2.14 7.99
C ALA B 213 -9.70 -2.31 7.66
N GLY B 214 -10.17 -3.55 7.73
CA GLY B 214 -11.59 -3.85 7.57
C GLY B 214 -12.45 -3.11 8.57
N PHE B 215 -11.99 -3.02 9.81
CA PHE B 215 -12.75 -2.32 10.84
C PHE B 215 -12.88 -0.83 10.47
N CYS B 216 -11.79 -0.24 10.01
CA CYS B 216 -11.80 1.16 9.60
C CYS B 216 -12.72 1.37 8.39
N ASP B 217 -12.73 0.41 7.48
CA ASP B 217 -13.70 0.45 6.38
C ASP B 217 -15.12 0.41 6.93
N GLY B 218 -15.34 -0.43 7.95
CA GLY B 218 -16.65 -0.54 8.60
C GLY B 218 -17.15 0.78 9.15
N LEU B 219 -16.22 1.55 9.71
CA LEU B 219 -16.50 2.90 10.21
C LEU B 219 -16.46 3.97 9.10
N ARG B 220 -16.28 3.54 7.84
CA ARG B 220 -16.27 4.44 6.66
C ARG B 220 -15.18 5.51 6.70
N CYS B 221 -13.98 5.08 7.05
CA CYS B 221 -12.87 5.98 7.26
C CYS B 221 -12.18 6.53 6.00
N GLY B 222 -12.17 5.79 4.90
CA GLY B 222 -11.49 6.26 3.67
C GLY B 222 -10.08 5.76 3.40
N ASP B 223 -9.50 6.22 2.29
CA ASP B 223 -8.18 5.76 1.86
C ASP B 223 -7.01 6.30 2.71
N ASN B 224 -7.06 7.57 3.12
CA ASN B 224 -5.98 8.12 3.96
C ASN B 224 -5.83 7.27 5.21
N THR B 225 -6.94 7.02 5.89
CA THR B 225 -6.93 6.21 7.10
C THR B 225 -6.37 4.81 6.83
N LYS B 226 -6.84 4.18 5.77
CA LYS B 226 -6.36 2.84 5.45
C LYS B 226 -4.86 2.83 5.17
N ALA B 227 -4.37 3.85 4.47
CA ALA B 227 -2.94 3.93 4.19
C ALA B 227 -2.15 4.01 5.50
N ALA B 228 -2.67 4.77 6.48
CA ALA B 228 -2.04 4.84 7.82
C ALA B 228 -2.04 3.49 8.52
N VAL B 229 -3.12 2.75 8.38
CA VAL B 229 -3.22 1.43 9.02
C VAL B 229 -2.19 0.50 8.41
N ILE B 230 -2.12 0.46 7.08
CA ILE B 230 -1.13 -0.36 6.37
C ILE B 230 0.27 0.01 6.84
N ARG B 231 0.54 1.29 6.84
CA ARG B 231 1.83 1.82 7.20
C ARG B 231 2.19 1.48 8.65
N LEU B 232 1.28 1.75 9.58
CA LEU B 232 1.56 1.45 10.98
C LEU B 232 1.69 -0.06 11.18
N GLY B 233 0.86 -0.82 10.46
CA GLY B 233 0.91 -2.27 10.49
C GLY B 233 2.25 -2.78 10.00
N LEU B 234 2.75 -2.19 8.92
CA LEU B 234 4.03 -2.62 8.36
C LEU B 234 5.13 -2.43 9.39
N MET B 235 5.19 -1.26 10.04
CA MET B 235 6.20 -1.01 11.08
C MET B 235 6.09 -2.01 12.22
N GLU B 236 4.87 -2.33 12.65
CA GLU B 236 4.70 -3.33 13.70
C GLU B 236 5.16 -4.71 13.21
N MET B 237 4.93 -5.02 11.93
CA MET B 237 5.38 -6.28 11.36
C MET B 237 6.89 -6.41 11.40
N ILE B 238 7.58 -5.32 11.05
CA ILE B 238 9.03 -5.28 11.02
C ILE B 238 9.56 -5.45 12.45
N ALA B 239 8.97 -4.69 13.37
CA ALA B 239 9.36 -4.69 14.78
C ALA B 239 9.14 -6.06 15.45
N PHE B 240 8.08 -6.76 15.09
CA PHE B 240 7.84 -8.12 15.58
C PHE B 240 8.90 -9.10 15.05
N ALA B 241 9.15 -9.04 13.75
CA ALA B 241 10.15 -9.91 13.12
C ALA B 241 11.55 -9.69 13.70
N ARG B 242 11.94 -8.44 13.95
CA ARG B 242 13.26 -8.16 14.51
C ARG B 242 13.46 -8.80 15.89
N ILE B 243 12.38 -8.87 16.68
CA ILE B 243 12.43 -9.48 18.01
C ILE B 243 12.40 -11.01 17.93
N PHE B 244 11.48 -11.56 17.15
CA PHE B 244 11.19 -13.00 17.20
C PHE B 244 11.87 -13.88 16.14
N CYS B 245 12.35 -13.30 15.05
CA CYS B 245 13.10 -14.08 14.07
C CYS B 245 14.47 -14.51 14.55
N LYS B 246 14.83 -15.76 14.22
CA LYS B 246 16.20 -16.23 14.38
C LYS B 246 17.04 -15.46 13.34
N GLY B 247 18.12 -14.84 13.82
CA GLY B 247 19.05 -14.08 12.96
C GLY B 247 18.58 -12.70 12.53
N GLN B 248 19.50 -11.92 11.96
CA GLN B 248 19.21 -10.56 11.44
C GLN B 248 18.15 -10.56 10.33
N VAL B 249 17.35 -9.51 10.33
CA VAL B 249 16.18 -9.37 9.47
C VAL B 249 16.35 -8.09 8.66
N SER B 250 16.41 -8.20 7.34
CA SER B 250 16.66 -7.04 6.49
C SER B 250 15.36 -6.32 6.08
N THR B 251 15.40 -4.99 6.09
CA THR B 251 14.25 -4.21 5.67
C THR B 251 13.83 -4.57 4.25
N ALA B 252 14.81 -4.84 3.40
CA ALA B 252 14.58 -5.18 1.99
C ALA B 252 13.57 -6.32 1.81
N THR B 253 13.57 -7.27 2.74
CA THR B 253 12.66 -8.40 2.64
C THR B 253 11.20 -7.93 2.65
N PHE B 254 10.93 -6.88 3.42
CA PHE B 254 9.58 -6.34 3.56
C PHE B 254 9.11 -5.59 2.32
N LEU B 255 10.05 -5.26 1.44
CA LEU B 255 9.73 -4.61 0.18
C LEU B 255 9.53 -5.61 -0.95
N GLU B 256 9.75 -6.90 -0.66
CA GLU B 256 9.35 -7.96 -1.58
C GLU B 256 7.83 -8.07 -1.56
N SER B 257 7.27 -8.91 -2.42
CA SER B 257 5.83 -9.02 -2.59
C SER B 257 5.16 -9.49 -1.30
N CYS B 258 5.85 -10.37 -0.58
CA CYS B 258 5.34 -10.91 0.69
C CYS B 258 5.14 -9.87 1.76
N GLY B 259 5.82 -8.74 1.65
CA GLY B 259 5.67 -7.66 2.63
C GLY B 259 4.64 -6.61 2.22
N VAL B 260 5.13 -5.47 1.74
CA VAL B 260 4.29 -4.32 1.44
C VAL B 260 3.16 -4.68 0.46
N ALA B 261 3.46 -5.47 -0.57
CA ALA B 261 2.47 -5.76 -1.63
C ALA B 261 1.28 -6.59 -1.14
N ASP B 262 1.57 -7.61 -0.34
CA ASP B 262 0.51 -8.47 0.18
C ASP B 262 -0.36 -7.69 1.18
N LEU B 263 0.28 -6.82 1.95
CA LEU B 263 -0.45 -5.98 2.88
C LEU B 263 -1.47 -5.11 2.11
N ILE B 264 -1.05 -4.51 1.00
CA ILE B 264 -1.96 -3.68 0.20
C ILE B 264 -3.13 -4.50 -0.35
N THR B 265 -2.81 -5.59 -1.05
CA THR B 265 -3.85 -6.35 -1.76
C THR B 265 -4.86 -6.96 -0.78
N THR B 266 -4.35 -7.46 0.33
CA THR B 266 -5.17 -8.05 1.40
C THR B 266 -6.06 -7.04 2.09
N CYS B 267 -5.53 -5.85 2.39
CA CYS B 267 -6.31 -4.77 3.06
C CYS B 267 -7.37 -4.11 2.17
N TYR B 268 -7.22 -4.28 0.85
CA TYR B 268 -8.17 -3.75 -0.11
C TYR B 268 -9.13 -4.80 -0.65
N GLY B 269 -8.66 -6.02 -0.85
CA GLY B 269 -9.47 -7.02 -1.57
C GLY B 269 -9.62 -8.37 -0.90
N GLY B 270 -9.12 -8.53 0.31
CA GLY B 270 -9.14 -9.83 0.99
C GLY B 270 -10.41 -10.18 1.77
N ARG B 271 -10.43 -11.43 2.24
CA ARG B 271 -11.56 -11.96 2.98
C ARG B 271 -11.56 -11.51 4.43
N ASN B 272 -10.38 -11.41 5.04
CA ASN B 272 -10.27 -10.87 6.41
C ASN B 272 -10.84 -9.45 6.49
N ARG B 273 -10.48 -8.60 5.53
CA ARG B 273 -10.99 -7.24 5.46
C ARG B 273 -12.51 -7.22 5.35
N ARG B 274 -13.05 -8.06 4.46
CA ARG B 274 -14.48 -8.06 4.20
C ARG B 274 -15.31 -8.46 5.43
N VAL B 275 -14.84 -9.44 6.19
CA VAL B 275 -15.58 -9.91 7.37
C VAL B 275 -15.39 -8.91 8.50
N ALA B 276 -14.21 -8.32 8.61
CA ALA B 276 -13.98 -7.27 9.61
C ALA B 276 -14.93 -6.08 9.40
N GLU B 277 -15.09 -5.65 8.15
CA GLU B 277 -16.06 -4.60 7.80
C GLU B 277 -17.46 -4.97 8.28
N ALA B 278 -17.87 -6.21 8.04
CA ALA B 278 -19.19 -6.68 8.47
C ALA B 278 -19.32 -6.69 10.00
N PHE B 279 -18.26 -7.14 10.70
CA PHE B 279 -18.19 -7.11 12.16
C PHE B 279 -18.47 -5.71 12.69
N ALA B 280 -17.81 -4.72 12.10
CA ALA B 280 -17.99 -3.33 12.49
C ALA B 280 -19.43 -2.86 12.31
N ARG B 281 -20.08 -3.25 11.22
CA ARG B 281 -21.40 -2.72 10.87
C ARG B 281 -22.56 -3.48 11.51
N THR B 282 -22.46 -4.80 11.61
CA THR B 282 -23.61 -5.62 12.01
C THR B 282 -23.65 -5.97 13.48
N GLY B 283 -22.49 -6.07 14.11
CA GLY B 283 -22.43 -6.48 15.52
C GLY B 283 -22.68 -7.97 15.75
N LYS B 284 -22.69 -8.74 14.67
CA LYS B 284 -22.64 -10.20 14.75
C LYS B 284 -21.22 -10.64 15.13
N THR B 285 -21.06 -11.91 15.45
CA THR B 285 -19.75 -12.44 15.88
C THR B 285 -18.87 -12.83 14.68
N ILE B 286 -17.56 -12.89 14.90
CA ILE B 286 -16.60 -13.22 13.84
C ILE B 286 -16.90 -14.62 13.28
N GLU B 287 -17.07 -15.59 14.17
CA GLU B 287 -17.42 -16.96 13.76
C GLU B 287 -18.72 -17.00 12.94
N GLU B 288 -19.75 -16.31 13.38
CA GLU B 288 -21.01 -16.23 12.63
C GLU B 288 -20.77 -15.74 11.20
N LEU B 289 -20.05 -14.64 11.07
CA LEU B 289 -19.85 -14.01 9.76
C LEU B 289 -18.99 -14.87 8.84
N GLU B 290 -18.02 -15.60 9.40
CA GLU B 290 -17.27 -16.60 8.64
C GLU B 290 -18.24 -17.65 8.03
N LYS B 291 -19.07 -18.28 8.86
CA LYS B 291 -20.00 -19.29 8.35
C LYS B 291 -20.96 -18.67 7.33
N GLU B 292 -21.47 -17.47 7.63
CA GLU B 292 -22.47 -16.79 6.80
C GLU B 292 -21.94 -16.30 5.48
N MET B 293 -20.72 -15.76 5.47
CA MET B 293 -20.24 -14.99 4.31
C MET B 293 -19.27 -15.73 3.38
N LEU B 294 -18.55 -16.74 3.87
CA LEU B 294 -17.41 -17.27 3.11
C LEU B 294 -17.59 -18.70 2.58
N ASN B 295 -18.80 -19.24 2.71
CA ASN B 295 -19.15 -20.56 2.19
C ASN B 295 -18.03 -21.60 2.40
N GLY B 296 -17.65 -21.79 3.66
CA GLY B 296 -16.63 -22.77 4.02
C GLY B 296 -15.20 -22.26 3.97
N GLN B 297 -14.97 -21.12 3.33
CA GLN B 297 -13.62 -20.56 3.29
C GLN B 297 -13.26 -20.08 4.71
N LYS B 298 -11.97 -19.99 5.00
CA LYS B 298 -11.48 -19.79 6.37
C LYS B 298 -10.70 -18.49 6.56
N LEU B 299 -10.96 -17.80 7.67
CA LEU B 299 -10.15 -16.65 8.12
C LEU B 299 -8.90 -17.11 8.89
N GLN B 300 -7.82 -16.33 8.86
CA GLN B 300 -6.66 -16.57 9.72
C GLN B 300 -6.39 -15.36 10.63
N GLY B 301 -6.97 -14.20 10.30
CA GLY B 301 -6.60 -12.93 10.93
C GLY B 301 -6.81 -12.82 12.42
N PRO B 302 -8.06 -12.99 12.89
CA PRO B 302 -8.30 -12.96 14.33
C PRO B 302 -7.45 -13.96 15.12
N GLN B 303 -7.39 -15.19 14.63
CA GLN B 303 -6.67 -16.25 15.34
C GLN B 303 -5.21 -15.90 15.52
N THR B 304 -4.57 -15.43 14.45
CA THR B 304 -3.18 -15.01 14.48
C THR B 304 -3.00 -13.92 15.54
N SER B 305 -3.95 -12.98 15.59
CA SER B 305 -3.89 -11.88 16.54
C SER B 305 -3.96 -12.36 17.98
N ALA B 306 -4.68 -13.44 18.23
CA ALA B 306 -4.74 -14.02 19.57
C ALA B 306 -3.42 -14.70 19.92
N GLU B 307 -2.84 -15.41 18.95
CA GLU B 307 -1.55 -16.05 19.15
C GLU B 307 -0.49 -14.98 19.46
N VAL B 308 -0.51 -13.89 18.71
CA VAL B 308 0.47 -12.81 18.89
C VAL B 308 0.26 -12.14 20.24
N TYR B 309 -1.00 -11.92 20.61
CA TYR B 309 -1.32 -11.30 21.91
C TYR B 309 -0.73 -12.08 23.11
N ARG B 310 -0.86 -13.40 23.08
CA ARG B 310 -0.34 -14.22 24.17
C ARG B 310 1.19 -14.17 24.26
N ILE B 311 1.87 -14.22 23.11
CA ILE B 311 3.33 -14.06 23.09
C ILE B 311 3.71 -12.72 23.72
N LEU B 312 3.07 -11.65 23.23
CA LEU B 312 3.45 -10.31 23.63
C LEU B 312 3.08 -9.99 25.09
N LYS B 313 1.99 -10.57 25.57
CA LYS B 313 1.61 -10.42 26.97
C LYS B 313 2.64 -11.05 27.90
N GLN B 314 2.97 -12.32 27.63
CA GLN B 314 3.97 -13.04 28.41
C GLN B 314 5.30 -12.27 28.46
N LYS B 315 5.67 -11.64 27.35
CA LYS B 315 6.95 -10.95 27.26
C LYS B 315 6.93 -9.45 27.58
N GLY B 316 5.77 -8.92 27.99
CA GLY B 316 5.66 -7.53 28.42
C GLY B 316 5.82 -6.51 27.31
N LEU B 317 5.32 -6.84 26.12
CA LEU B 317 5.57 -6.03 24.91
C LEU B 317 4.31 -5.43 24.28
N LEU B 318 3.18 -5.52 24.97
CA LEU B 318 1.91 -5.04 24.43
C LEU B 318 1.92 -3.54 24.03
N ASP B 319 2.67 -2.74 24.78
CA ASP B 319 2.74 -1.29 24.54
C ASP B 319 3.45 -0.96 23.24
N LYS B 320 4.28 -1.87 22.77
CA LYS B 320 5.06 -1.64 21.56
C LYS B 320 4.28 -2.05 20.33
N PHE B 321 3.17 -2.77 20.52
CA PHE B 321 2.31 -3.22 19.41
C PHE B 321 0.84 -2.88 19.64
N PRO B 322 0.53 -1.57 19.71
CA PRO B 322 -0.86 -1.13 19.94
C PRO B 322 -1.84 -1.50 18.83
N LEU B 323 -1.40 -1.50 17.59
CA LEU B 323 -2.27 -1.93 16.48
C LEU B 323 -2.63 -3.41 16.60
N PHE B 324 -1.63 -4.29 16.70
CA PHE B 324 -1.88 -5.74 16.88
C PHE B 324 -2.77 -6.01 18.10
N THR B 325 -2.52 -5.29 19.19
CA THR B 325 -3.28 -5.52 20.42
C THR B 325 -4.74 -5.08 20.27
N ALA B 326 -4.96 -3.93 19.61
CA ALA B 326 -6.30 -3.42 19.42
C ALA B 326 -7.14 -4.44 18.63
N VAL B 327 -6.56 -4.97 17.55
CA VAL B 327 -7.27 -5.96 16.73
C VAL B 327 -7.70 -7.16 17.58
N TYR B 328 -6.79 -7.62 18.44
CA TYR B 328 -7.11 -8.76 19.29
C TYR B 328 -8.25 -8.42 20.24
N GLN B 329 -8.15 -7.25 20.85
CA GLN B 329 -9.11 -6.84 21.87
C GLN B 329 -10.51 -6.61 21.29
N ILE B 330 -10.59 -6.05 20.09
CA ILE B 330 -11.88 -5.85 19.44
C ILE B 330 -12.50 -7.20 19.06
N CYS B 331 -11.67 -8.10 18.51
CA CYS B 331 -12.15 -9.44 18.12
C CYS B 331 -12.61 -10.28 19.28
N TYR B 332 -11.90 -10.25 20.40
CA TYR B 332 -12.17 -11.20 21.48
C TYR B 332 -12.57 -10.62 22.85
N GLU B 333 -12.24 -9.37 23.14
CA GLU B 333 -12.53 -8.82 24.48
C GLU B 333 -13.55 -7.70 24.47
N SER B 334 -14.37 -7.65 23.42
CA SER B 334 -15.49 -6.73 23.33
C SER B 334 -15.10 -5.25 23.44
N ARG B 335 -13.86 -4.92 23.10
CA ARG B 335 -13.46 -3.54 22.98
C ARG B 335 -14.25 -2.90 21.82
N PRO B 336 -14.84 -1.71 22.06
CA PRO B 336 -15.61 -1.08 20.98
C PRO B 336 -14.77 -0.87 19.71
N VAL B 337 -15.32 -1.28 18.58
CA VAL B 337 -14.63 -1.25 17.29
C VAL B 337 -14.11 0.16 16.94
N GLN B 338 -14.87 1.18 17.30
CA GLN B 338 -14.48 2.58 17.03
C GLN B 338 -13.15 2.98 17.70
N GLU B 339 -12.67 2.18 18.64
CA GLU B 339 -11.38 2.43 19.26
C GLU B 339 -10.21 2.02 18.40
N MET B 340 -10.46 1.33 17.27
CA MET B 340 -9.41 1.17 16.25
C MET B 340 -8.77 2.50 15.93
N LEU B 341 -9.59 3.52 15.72
CA LEU B 341 -9.08 4.85 15.41
C LEU B 341 -8.26 5.38 16.56
N SER B 342 -8.82 5.32 17.77
CA SER B 342 -8.14 5.81 18.97
C SER B 342 -6.69 5.40 19.05
N CYS B 343 -6.40 4.15 18.74
CA CYS B 343 -5.05 3.67 18.88
C CYS B 343 -4.14 4.03 17.70
N LEU B 344 -4.71 4.57 16.62
CA LEU B 344 -3.91 5.15 15.55
C LEU B 344 -3.43 6.54 15.95
N GLN B 345 -4.24 7.22 16.77
CA GLN B 345 -3.97 8.62 17.19
C GLN B 345 -2.84 8.70 18.21
N SER B 346 -2.82 7.76 19.15
CA SER B 346 -1.70 7.62 20.10
C SER B 346 -0.52 6.91 19.43
#